data_3LED
#
_entry.id   3LED
#
_cell.length_a   111.997
_cell.length_b   114.790
_cell.length_c   60.429
_cell.angle_alpha   90.00
_cell.angle_beta   96.80
_cell.angle_gamma   90.00
#
_symmetry.space_group_name_H-M   'C 1 2 1'
#
loop_
_entity.id
_entity.type
_entity.pdbx_description
1 polymer '3-oxoacyl-acyl carrier protein synthase III'
2 non-polymer 'FORMIC ACID'
3 water water
#
_entity_poly.entity_id   1
_entity_poly.type   'polypeptide(L)'
_entity_poly.pdbx_seq_one_letter_code
;(MSE)GSSHHHHHHSSGRENLYFQGVRPAVIAATGLYTPPDSVSNAELVEAFNTYVANFNAANKARIEAGEIEPLQPSSS
EFIEKASGIKSRYVVAKPGIVDPDV(MSE)RPIIPERSNDELSILAE(MSE)AVTAAEQAIERWGKPRERIGAVLCACSN
(MSE)QRAYPA(MSE)AIEVQNALGLGGFAFD(MSE)NVACSSATFGLKTAADFVGGGSVDAVL(MSE)VNPEICSGHLN
FRDRDSHFIFGDVATAAIVERADDAQGGWSILGTKLKTQFSNNIRNNAGFLNRAWPEGRDKADKLFVQQGRKVFKEVVPL
VSE(MSE)IIEHAREIGIDPHGLKR(MSE)WLHQANIN(MSE)NEIIGRKVLGRDPTRDENVIILDDYANTSSAGSIIAF
HKHQDD(MSE)AQGDLGLICSFGAGYSAGTVFVQKR
;
_entity_poly.pdbx_strand_id   A,B
#
loop_
_chem_comp.id
_chem_comp.type
_chem_comp.name
_chem_comp.formula
FMT non-polymer 'FORMIC ACID' 'C H2 O2'
#
# COMPACT_ATOMS: atom_id res chain seq x y z
N TYR A 18 6.49 -10.89 36.08
CA TYR A 18 6.87 -9.94 35.00
C TYR A 18 5.84 -9.92 33.86
N PHE A 19 5.48 -8.73 33.37
N PHE A 19 5.68 -8.72 33.30
CA PHE A 19 4.53 -8.60 32.27
CA PHE A 19 4.65 -8.39 32.32
C PHE A 19 5.16 -7.78 31.15
C PHE A 19 5.31 -7.79 31.10
N GLN A 20 4.74 -8.03 29.91
CA GLN A 20 5.27 -7.31 28.75
C GLN A 20 4.51 -6.00 28.63
N GLY A 21 5.19 -4.89 28.89
CA GLY A 21 4.49 -3.60 28.84
C GLY A 21 4.63 -2.98 27.46
N VAL A 22 3.58 -2.27 27.06
CA VAL A 22 3.62 -1.43 25.86
C VAL A 22 4.65 -0.33 26.07
N ARG A 23 5.62 -0.24 25.16
CA ARG A 23 6.69 0.75 25.25
C ARG A 23 6.27 2.02 24.51
N PRO A 24 6.12 3.14 25.24
CA PRO A 24 5.78 4.41 24.59
C PRO A 24 6.80 4.81 23.53
N ALA A 25 6.34 5.58 22.56
CA ALA A 25 7.19 5.94 21.39
C ALA A 25 7.45 7.44 21.30
N VAL A 26 8.53 7.78 20.61
N VAL A 26 8.50 7.75 20.55
CA VAL A 26 8.82 9.16 20.30
CA VAL A 26 9.00 9.11 20.35
C VAL A 26 9.11 9.29 18.81
C VAL A 26 9.31 9.34 18.87
N ILE A 27 8.91 10.50 18.31
CA ILE A 27 9.43 10.90 17.00
C ILE A 27 10.81 11.48 17.27
N ALA A 28 11.85 10.74 16.89
CA ALA A 28 13.23 11.06 17.25
C ALA A 28 13.94 11.97 16.26
N ALA A 29 13.48 11.92 15.00
CA ALA A 29 14.06 12.78 13.97
C ALA A 29 13.14 12.81 12.78
N THR A 30 13.30 13.86 11.98
CA THR A 30 12.60 13.94 10.69
C THR A 30 13.57 14.41 9.61
N GLY A 31 13.18 14.21 8.36
CA GLY A 31 13.97 14.61 7.21
C GLY A 31 13.05 15.09 6.10
N LEU A 32 13.66 15.85 5.19
CA LEU A 32 12.94 16.53 4.13
C LEU A 32 13.78 16.61 2.87
N TYR A 33 13.17 16.25 1.75
CA TYR A 33 13.77 16.49 0.43
C TYR A 33 12.85 17.42 -0.36
N THR A 34 13.36 18.57 -0.78
CA THR A 34 12.59 19.54 -1.60
C THR A 34 13.21 19.57 -2.99
N PRO A 35 12.42 19.27 -4.03
CA PRO A 35 12.98 19.33 -5.40
C PRO A 35 13.54 20.74 -5.70
N PRO A 36 14.55 20.83 -6.59
CA PRO A 36 15.17 22.14 -6.82
C PRO A 36 14.30 23.08 -7.66
N ASP A 37 13.39 22.54 -8.47
CA ASP A 37 12.67 23.39 -9.43
C ASP A 37 11.29 23.68 -8.92
N SER A 38 10.87 24.94 -9.06
CA SER A 38 9.50 25.35 -8.69
C SER A 38 8.76 25.77 -9.95
N VAL A 39 7.43 25.65 -9.89
CA VAL A 39 6.57 26.27 -10.84
C VAL A 39 5.77 27.29 -10.05
N SER A 40 6.05 28.58 -10.28
CA SER A 40 5.31 29.61 -9.56
C SER A 40 3.88 29.62 -10.08
N ASN A 41 2.95 30.20 -9.33
CA ASN A 41 1.63 30.39 -9.91
C ASN A 41 1.69 31.13 -11.22
N ALA A 42 2.54 32.16 -11.33
CA ALA A 42 2.60 32.87 -12.60
C ALA A 42 3.00 31.94 -13.76
N GLU A 43 4.00 31.08 -13.55
CA GLU A 43 4.41 30.18 -14.62
C GLU A 43 3.31 29.19 -14.94
N LEU A 44 2.66 28.67 -13.92
CA LEU A 44 1.59 27.69 -14.11
C LEU A 44 0.44 28.29 -14.91
N VAL A 45 0.03 29.49 -14.51
CA VAL A 45 -1.09 30.17 -15.16
C VAL A 45 -0.76 30.57 -16.59
N GLU A 46 0.49 30.94 -16.85
N GLU A 46 0.50 30.94 -16.84
CA GLU A 46 0.86 31.34 -18.22
CA GLU A 46 0.87 31.35 -18.22
C GLU A 46 0.66 30.14 -19.15
C GLU A 46 0.67 30.16 -19.15
N ALA A 47 1.14 28.97 -18.74
CA ALA A 47 0.98 27.78 -19.58
C ALA A 47 -0.49 27.37 -19.71
N PHE A 48 -1.20 27.36 -18.57
CA PHE A 48 -2.60 26.99 -18.58
C PHE A 48 -3.41 27.91 -19.50
N ASN A 49 -3.15 29.21 -19.42
CA ASN A 49 -3.92 30.15 -20.21
C ASN A 49 -3.60 30.09 -21.69
N THR A 50 -2.38 29.70 -22.03
CA THR A 50 -2.07 29.43 -23.43
C THR A 50 -2.76 28.15 -23.91
N TYR A 51 -2.78 27.11 -23.08
CA TYR A 51 -3.55 25.93 -23.42
C TYR A 51 -5.04 26.31 -23.68
N VAL A 52 -5.60 27.14 -22.80
CA VAL A 52 -7.00 27.56 -22.92
C VAL A 52 -7.22 28.33 -24.23
N ALA A 53 -6.37 29.34 -24.48
CA ALA A 53 -6.53 30.15 -25.69
C ALA A 53 -6.40 29.32 -26.96
N ASN A 54 -5.44 28.39 -26.96
CA ASN A 54 -5.28 27.54 -28.11
C ASN A 54 -6.48 26.61 -28.31
N PHE A 55 -7.00 26.06 -27.21
CA PHE A 55 -8.18 25.19 -27.28
C PHE A 55 -9.38 25.98 -27.83
N ASN A 56 -9.61 27.18 -27.31
CA ASN A 56 -10.76 27.96 -27.79
C ASN A 56 -10.68 28.30 -29.28
N ALA A 57 -9.47 28.59 -29.76
CA ALA A 57 -9.27 28.81 -31.19
C ALA A 57 -9.47 27.55 -31.99
N ALA A 58 -8.92 26.42 -31.54
CA ALA A 58 -9.05 25.17 -32.30
C ALA A 58 -10.50 24.71 -32.37
N ASN A 59 -11.28 25.01 -31.33
CA ASN A 59 -12.66 24.53 -31.25
C ASN A 59 -13.64 25.65 -31.49
N LYS A 60 -13.20 26.69 -32.19
CA LYS A 60 -14.03 27.86 -32.40
C LYS A 60 -15.42 27.54 -32.97
N ALA A 61 -15.48 26.67 -33.97
CA ALA A 61 -16.81 26.43 -34.58
C ALA A 61 -17.76 25.70 -33.61
N ARG A 62 -17.25 24.73 -32.87
CA ARG A 62 -18.05 24.05 -31.82
C ARG A 62 -18.55 25.00 -30.73
N ILE A 63 -17.68 25.90 -30.30
CA ILE A 63 -18.06 26.89 -29.30
C ILE A 63 -19.11 27.81 -29.89
N GLU A 64 -18.89 28.29 -31.11
CA GLU A 64 -19.84 29.22 -31.72
C GLU A 64 -21.19 28.59 -32.06
N ALA A 65 -21.19 27.26 -32.13
CA ALA A 65 -22.45 26.52 -32.34
C ALA A 65 -23.14 26.13 -31.03
N GLY A 66 -22.50 26.45 -29.90
CA GLY A 66 -23.07 26.15 -28.60
C GLY A 66 -22.93 24.68 -28.23
N GLU A 67 -22.07 23.94 -28.92
CA GLU A 67 -21.88 22.54 -28.58
C GLU A 67 -21.11 22.35 -27.26
N ILE A 68 -20.14 23.24 -27.04
CA ILE A 68 -19.42 23.31 -25.78
C ILE A 68 -19.25 24.75 -25.37
N GLU A 69 -18.93 24.93 -24.09
N GLU A 69 -18.94 24.95 -24.09
CA GLU A 69 -18.56 26.22 -23.54
CA GLU A 69 -18.58 26.26 -23.59
C GLU A 69 -17.07 26.46 -23.83
C GLU A 69 -17.10 26.46 -23.86
N PRO A 70 -16.67 27.72 -23.98
CA PRO A 70 -15.24 27.97 -24.10
C PRO A 70 -14.58 27.62 -22.77
N LEU A 71 -13.29 27.26 -22.81
CA LEU A 71 -12.56 27.17 -21.54
C LEU A 71 -12.26 28.56 -20.97
N GLN A 72 -12.22 28.65 -19.64
CA GLN A 72 -11.92 29.90 -18.96
C GLN A 72 -10.48 29.92 -18.46
N PRO A 73 -9.82 31.07 -18.56
CA PRO A 73 -8.46 31.17 -18.03
C PRO A 73 -8.41 31.03 -16.51
N SER A 74 -7.24 30.66 -16.02
CA SER A 74 -6.95 30.67 -14.60
C SER A 74 -6.28 32.00 -14.24
N SER A 75 -5.99 32.20 -12.96
CA SER A 75 -5.24 33.38 -12.53
C SER A 75 -4.57 33.11 -11.22
N SER A 76 -3.48 33.84 -10.93
CA SER A 76 -2.86 33.71 -9.62
C SER A 76 -3.82 34.11 -8.49
N GLU A 77 -4.65 35.14 -8.70
CA GLU A 77 -5.65 35.53 -7.72
CA GLU A 77 -5.68 35.56 -7.75
C GLU A 77 -6.67 34.41 -7.42
N PHE A 78 -7.16 33.74 -8.46
CA PHE A 78 -8.08 32.62 -8.29
C PHE A 78 -7.42 31.52 -7.46
N ILE A 79 -6.17 31.19 -7.77
CA ILE A 79 -5.49 30.10 -7.06
C ILE A 79 -5.31 30.45 -5.58
N GLU A 80 -4.80 31.64 -5.33
CA GLU A 80 -4.57 32.04 -3.95
C GLU A 80 -5.86 32.11 -3.14
N LYS A 81 -6.95 32.60 -3.73
N LYS A 81 -6.95 32.59 -3.75
CA LYS A 81 -8.26 32.61 -3.05
CA LYS A 81 -8.26 32.63 -3.09
C LYS A 81 -8.77 31.19 -2.74
C LYS A 81 -8.79 31.23 -2.77
N ALA A 82 -8.61 30.30 -3.70
CA ALA A 82 -9.09 28.94 -3.55
C ALA A 82 -8.32 28.15 -2.50
N SER A 83 -7.05 28.51 -2.24
CA SER A 83 -6.19 27.58 -1.52
C SER A 83 -5.09 28.16 -0.64
N GLY A 84 -4.65 29.37 -0.91
CA GLY A 84 -3.45 29.91 -0.28
C GLY A 84 -2.13 29.52 -0.94
N ILE A 85 -2.19 28.75 -2.00
CA ILE A 85 -1.00 28.23 -2.67
C ILE A 85 -0.42 29.33 -3.60
N LYS A 86 0.91 29.50 -3.55
CA LYS A 86 1.60 30.51 -4.38
C LYS A 86 2.58 29.88 -5.37
N SER A 87 2.97 28.63 -5.12
CA SER A 87 4.02 27.94 -5.85
C SER A 87 3.92 26.47 -5.54
N ARG A 88 4.62 25.64 -6.30
CA ARG A 88 4.82 24.22 -5.93
C ARG A 88 6.16 23.77 -6.49
N TYR A 89 6.77 22.82 -5.81
CA TYR A 89 7.99 22.19 -6.32
C TYR A 89 7.60 21.03 -7.20
N VAL A 90 8.39 20.75 -8.21
CA VAL A 90 8.09 19.62 -9.10
C VAL A 90 9.35 18.88 -9.44
N VAL A 91 9.24 17.58 -9.63
CA VAL A 91 10.44 16.80 -9.98
C VAL A 91 10.82 16.93 -11.44
N ALA A 92 9.85 17.29 -12.30
CA ALA A 92 10.08 17.32 -13.74
C ALA A 92 9.24 18.43 -14.34
N LYS A 93 9.84 19.61 -14.46
CA LYS A 93 9.11 20.82 -14.83
C LYS A 93 8.67 21.03 -16.27
N PRO A 94 9.52 20.72 -17.28
CA PRO A 94 9.22 21.23 -18.61
C PRO A 94 7.82 20.93 -19.16
N GLY A 95 7.32 19.72 -18.94
CA GLY A 95 6.03 19.34 -19.53
C GLY A 95 4.89 20.10 -18.87
N ILE A 96 5.07 20.48 -17.61
CA ILE A 96 4.01 21.18 -16.87
C ILE A 96 3.85 22.60 -17.37
N VAL A 97 4.91 23.20 -17.91
CA VAL A 97 4.81 24.54 -18.47
C VAL A 97 4.73 24.55 -19.99
N ASP A 98 4.46 23.39 -20.60
CA ASP A 98 4.28 23.28 -22.04
C ASP A 98 2.78 23.11 -22.32
N PRO A 99 2.14 24.11 -22.97
CA PRO A 99 0.70 24.07 -23.15
C PRO A 99 0.23 22.92 -24.03
N ASP A 100 1.13 22.28 -24.76
CA ASP A 100 0.72 21.09 -25.56
C ASP A 100 0.95 19.76 -24.88
N VAL A 101 1.54 19.79 -23.68
CA VAL A 101 1.88 18.55 -22.97
C VAL A 101 1.11 18.52 -21.65
N MSE A 102 1.29 19.54 -20.81
CA MSE A 102 0.50 19.72 -19.59
C MSE A 102 0.55 18.50 -18.65
O MSE A 102 -0.44 18.09 -18.05
CB MSE A 102 -0.98 20.11 -19.95
CG MSE A 102 -1.03 21.34 -20.83
SE MSE A 102 -0.48 22.95 -19.82
CE MSE A 102 -2.16 23.17 -18.86
N ARG A 103 1.76 17.98 -18.46
CA ARG A 103 2.03 16.87 -17.54
C ARG A 103 3.53 16.71 -17.38
N PRO A 104 3.99 16.03 -16.31
CA PRO A 104 5.41 15.68 -16.28
C PRO A 104 5.81 14.77 -17.42
N ILE A 105 7.04 14.98 -17.87
CA ILE A 105 7.72 14.03 -18.79
C ILE A 105 8.89 13.45 -17.99
N ILE A 106 8.79 12.15 -17.68
CA ILE A 106 9.75 11.46 -16.81
C ILE A 106 10.20 10.16 -17.53
N PRO A 107 11.34 10.21 -18.21
CA PRO A 107 11.83 9.01 -18.89
C PRO A 107 12.04 7.89 -17.89
N GLU A 108 11.80 6.67 -18.34
CA GLU A 108 11.97 5.51 -17.44
C GLU A 108 13.41 5.22 -17.17
N ARG A 109 13.69 4.71 -15.96
CA ARG A 109 15.04 4.27 -15.56
C ARG A 109 15.14 2.77 -15.66
N SER A 110 16.36 2.27 -15.84
CA SER A 110 16.67 0.84 -15.72
C SER A 110 16.27 0.32 -14.37
N ASN A 111 15.89 -0.96 -14.32
CA ASN A 111 15.70 -1.63 -13.02
C ASN A 111 16.97 -1.59 -12.17
N ASP A 112 18.13 -1.49 -12.81
CA ASP A 112 19.42 -1.42 -12.10
C ASP A 112 19.64 -0.08 -11.38
N GLU A 113 18.86 0.93 -11.72
CA GLU A 113 19.01 2.24 -11.10
C GLU A 113 17.97 2.39 -9.98
N LEU A 114 18.32 3.21 -9.01
CA LEU A 114 17.35 3.61 -7.99
C LEU A 114 16.19 4.37 -8.67
N SER A 115 14.95 3.99 -8.35
CA SER A 115 13.80 4.67 -8.95
C SER A 115 13.67 6.11 -8.47
N ILE A 116 13.00 6.96 -9.25
CA ILE A 116 12.87 8.36 -8.85
C ILE A 116 12.14 8.53 -7.52
N LEU A 117 11.08 7.75 -7.30
CA LEU A 117 10.34 7.86 -6.05
C LEU A 117 11.17 7.37 -4.86
N ALA A 118 11.86 6.24 -5.01
CA ALA A 118 12.75 5.78 -3.95
C ALA A 118 13.87 6.76 -3.68
N GLU A 119 14.43 7.37 -4.72
CA GLU A 119 15.56 8.31 -4.57
C GLU A 119 15.17 9.47 -3.67
N MSE A 120 13.96 10.00 -3.83
N MSE A 120 13.96 10.01 -3.84
CA MSE A 120 13.50 11.12 -3.01
CA MSE A 120 13.48 11.12 -3.01
C MSE A 120 13.35 10.69 -1.55
C MSE A 120 13.36 10.70 -1.55
O MSE A 120 13.78 11.41 -0.64
O MSE A 120 13.80 11.41 -0.64
CB MSE A 120 12.18 11.65 -3.54
CB MSE A 120 12.13 11.63 -3.48
CG MSE A 120 12.24 11.93 -5.03
CG MSE A 120 12.18 12.43 -4.78
SE MSE A 120 10.51 12.25 -5.77
SE MSE A 120 10.43 12.37 -5.58
CE MSE A 120 10.07 13.82 -4.70
CE MSE A 120 9.43 12.16 -3.93
N ALA A 121 12.76 9.52 -1.34
CA ALA A 121 12.65 8.96 0.02
C ALA A 121 14.00 8.75 0.67
N VAL A 122 14.98 8.26 -0.11
CA VAL A 122 16.31 7.99 0.45
C VAL A 122 16.95 9.33 0.89
N THR A 123 16.80 10.38 0.09
CA THR A 123 17.42 11.65 0.46
C THR A 123 16.78 12.20 1.76
N ALA A 124 15.46 12.19 1.86
CA ALA A 124 14.82 12.61 3.11
C ALA A 124 15.26 11.70 4.27
N ALA A 125 15.28 10.38 4.06
CA ALA A 125 15.68 9.45 5.11
C ALA A 125 17.12 9.69 5.59
N GLU A 126 18.04 9.97 4.67
N GLU A 126 18.01 10.00 4.65
CA GLU A 126 19.42 10.20 5.11
CA GLU A 126 19.42 10.25 5.00
C GLU A 126 19.46 11.41 6.04
C GLU A 126 19.57 11.46 5.91
N GLN A 127 18.73 12.48 5.70
CA GLN A 127 18.68 13.64 6.62
C GLN A 127 18.16 13.23 8.01
N ALA A 128 17.09 12.46 8.05
CA ALA A 128 16.55 11.99 9.34
C ALA A 128 17.58 11.17 10.09
N ILE A 129 18.23 10.25 9.38
CA ILE A 129 19.25 9.40 10.02
C ILE A 129 20.41 10.24 10.58
N GLU A 130 20.89 11.22 9.81
CA GLU A 130 21.99 12.04 10.30
CA GLU A 130 21.97 12.11 10.26
C GLU A 130 21.57 12.83 11.54
N ARG A 131 20.37 13.40 11.54
CA ARG A 131 19.89 14.14 12.71
C ARG A 131 19.74 13.23 13.91
N TRP A 132 19.22 12.02 13.69
CA TRP A 132 19.04 11.05 14.74
C TRP A 132 20.36 10.70 15.44
N GLY A 133 21.40 10.48 14.64
CA GLY A 133 22.75 10.25 15.18
C GLY A 133 23.02 8.87 15.73
N LYS A 134 22.09 7.94 15.56
CA LYS A 134 22.27 6.54 16.02
C LYS A 134 22.60 5.64 14.83
N PRO A 135 23.20 4.47 15.11
CA PRO A 135 23.56 3.55 14.03
C PRO A 135 22.31 3.09 13.29
N ARG A 136 22.36 3.13 11.97
CA ARG A 136 21.18 2.73 11.20
C ARG A 136 20.81 1.24 11.35
N GLU A 137 21.74 0.44 11.89
CA GLU A 137 21.48 -0.97 12.16
CA GLU A 137 21.52 -0.97 12.17
C GLU A 137 20.32 -1.14 13.15
N ARG A 138 20.02 -0.07 13.89
CA ARG A 138 18.96 -0.07 14.88
C ARG A 138 17.54 -0.01 14.25
N ILE A 139 17.46 0.47 13.00
CA ILE A 139 16.17 0.53 12.34
C ILE A 139 15.73 -0.87 11.90
N GLY A 140 14.58 -1.33 12.39
CA GLY A 140 14.10 -2.67 12.11
C GLY A 140 12.98 -2.74 11.10
N ALA A 141 12.40 -1.59 10.75
CA ALA A 141 11.31 -1.56 9.77
C ALA A 141 11.38 -0.28 8.99
N VAL A 142 11.02 -0.37 7.68
CA VAL A 142 10.81 0.82 6.85
C VAL A 142 9.37 0.78 6.35
N LEU A 143 8.64 1.87 6.57
CA LEU A 143 7.27 2.02 6.06
C LEU A 143 7.31 3.10 5.00
N CYS A 144 6.95 2.77 3.76
CA CYS A 144 6.78 3.80 2.72
C CYS A 144 5.29 4.09 2.67
N ALA A 145 4.92 5.25 3.20
CA ALA A 145 3.54 5.61 3.47
C ALA A 145 3.25 6.85 2.65
N CYS A 146 2.51 6.71 1.56
CA CYS A 146 2.27 7.82 0.67
C CYS A 146 1.10 7.49 -0.26
N SER A 147 0.72 8.48 -1.07
CA SER A 147 -0.53 8.36 -1.84
C SER A 147 -0.42 7.57 -3.13
N ASN A 148 0.79 7.23 -3.56
CA ASN A 148 0.91 6.51 -4.83
C ASN A 148 2.28 5.85 -4.94
N MSE A 149 2.29 4.52 -5.07
CA MSE A 149 3.53 3.80 -5.23
C MSE A 149 3.93 3.76 -6.69
O MSE A 149 3.09 3.62 -7.57
CB MSE A 149 3.37 2.36 -4.69
CG MSE A 149 2.87 2.26 -3.27
SE MSE A 149 3.98 3.21 -1.99
CE MSE A 149 2.58 3.51 -0.67
N GLN A 150 5.21 3.89 -6.98
CA GLN A 150 5.65 3.83 -8.37
C GLN A 150 5.45 2.44 -9.00
N ARG A 151 5.52 1.39 -8.20
CA ARG A 151 5.31 -0.02 -8.61
C ARG A 151 4.52 -0.74 -7.57
N ALA A 152 3.81 -1.79 -7.98
CA ALA A 152 3.23 -2.72 -7.04
C ALA A 152 4.28 -3.57 -6.37
N TYR A 153 5.29 -4.03 -7.10
CA TYR A 153 6.35 -4.90 -6.51
C TYR A 153 7.57 -4.85 -7.44
N PRO A 154 8.78 -4.98 -6.87
CA PRO A 154 9.03 -5.04 -5.42
C PRO A 154 8.66 -3.73 -4.74
N ALA A 155 8.31 -3.83 -3.46
CA ALA A 155 7.82 -2.65 -2.74
C ALA A 155 8.79 -1.49 -2.75
N MSE A 156 8.23 -0.27 -2.76
CA MSE A 156 9.08 0.92 -2.66
C MSE A 156 9.90 0.90 -1.38
O MSE A 156 11.09 1.25 -1.37
CB MSE A 156 8.19 2.16 -2.65
CG MSE A 156 7.25 2.28 -3.82
SE MSE A 156 8.07 2.00 -5.55
CE MSE A 156 9.51 3.30 -5.43
N ALA A 157 9.26 0.50 -0.28
CA ALA A 157 9.93 0.50 1.02
C ALA A 157 11.14 -0.43 1.03
N ILE A 158 11.06 -1.55 0.32
CA ILE A 158 12.17 -2.51 0.27
C ILE A 158 13.29 -1.90 -0.57
N GLU A 159 12.96 -1.21 -1.66
CA GLU A 159 13.99 -0.53 -2.44
C GLU A 159 14.71 0.51 -1.60
N VAL A 160 13.95 1.26 -0.80
CA VAL A 160 14.52 2.29 0.09
C VAL A 160 15.41 1.64 1.18
N GLN A 161 14.89 0.58 1.80
CA GLN A 161 15.63 -0.21 2.80
C GLN A 161 16.99 -0.62 2.25
N ASN A 162 17.00 -1.18 1.04
CA ASN A 162 18.22 -1.64 0.40
C ASN A 162 19.19 -0.49 0.11
N ALA A 163 18.65 0.61 -0.40
CA ALA A 163 19.50 1.77 -0.73
C ALA A 163 20.15 2.36 0.51
N LEU A 164 19.45 2.31 1.64
CA LEU A 164 19.95 2.81 2.92
C LEU A 164 20.82 1.79 3.67
N GLY A 165 20.93 0.57 3.15
CA GLY A 165 21.74 -0.48 3.82
C GLY A 165 21.13 -0.98 5.13
N LEU A 166 19.81 -1.02 5.18
CA LEU A 166 19.10 -1.46 6.38
C LEU A 166 18.73 -2.94 6.35
N GLY A 167 18.69 -3.53 7.54
CA GLY A 167 18.16 -4.89 7.72
C GLY A 167 16.66 -4.84 7.98
N GLY A 168 16.14 -5.92 8.53
CA GLY A 168 14.76 -5.95 8.99
C GLY A 168 13.78 -6.18 7.85
N PHE A 169 12.62 -5.53 7.98
CA PHE A 169 11.56 -5.68 6.98
C PHE A 169 11.05 -4.31 6.53
N ALA A 170 10.23 -4.31 5.50
CA ALA A 170 9.76 -3.06 4.93
C ALA A 170 8.48 -3.33 4.16
N PHE A 171 7.55 -2.38 4.14
CA PHE A 171 6.39 -2.51 3.27
C PHE A 171 5.77 -1.17 2.94
N ASP A 172 4.95 -1.17 1.91
CA ASP A 172 4.28 0.04 1.42
C ASP A 172 2.88 0.10 2.02
N MSE A 173 2.45 1.29 2.38
CA MSE A 173 1.06 1.48 2.87
C MSE A 173 0.51 2.79 2.33
O MSE A 173 1.24 3.78 2.18
CB MSE A 173 0.98 1.39 4.42
CG MSE A 173 1.85 2.41 5.11
SE MSE A 173 1.77 2.20 7.05
CE MSE A 173 0.12 3.14 7.33
N ASN A 174 -0.77 2.77 2.00
CA ASN A 174 -1.36 3.90 1.29
C ASN A 174 -2.72 4.18 1.90
N VAL A 175 -2.83 5.37 2.53
CA VAL A 175 -4.15 5.96 2.82
C VAL A 175 -4.09 7.41 2.38
N ALA A 176 -3.46 7.60 1.22
CA ALA A 176 -3.43 8.89 0.56
C ALA A 176 -2.99 10.00 1.53
N CYS A 177 -3.78 11.06 1.63
CA CYS A 177 -3.43 12.24 2.42
C CYS A 177 -3.14 11.96 3.87
N SER A 178 -3.64 10.85 4.43
CA SER A 178 -3.36 10.56 5.85
C SER A 178 -2.28 9.52 6.03
N SER A 179 -1.54 9.18 4.98
CA SER A 179 -0.58 8.09 5.13
C SER A 179 0.48 8.34 6.17
N ALA A 180 0.88 9.60 6.37
CA ALA A 180 1.95 9.88 7.34
C ALA A 180 1.50 9.73 8.80
N THR A 181 0.29 10.18 9.12
CA THR A 181 -0.21 9.96 10.50
C THR A 181 -0.57 8.49 10.75
N PHE A 182 -1.13 7.82 9.74
CA PHE A 182 -1.40 6.39 9.89
C PHE A 182 -0.07 5.64 10.04
N GLY A 183 0.95 6.08 9.31
CA GLY A 183 2.29 5.46 9.40
C GLY A 183 2.91 5.71 10.77
N LEU A 184 2.76 6.92 11.31
CA LEU A 184 3.29 7.18 12.69
C LEU A 184 2.61 6.29 13.73
N LYS A 185 1.29 6.11 13.62
CA LYS A 185 0.53 5.24 14.52
C LYS A 185 1.05 3.82 14.38
N THR A 186 1.22 3.35 13.15
CA THR A 186 1.69 1.98 12.91
C THR A 186 3.09 1.81 13.47
N ALA A 187 4.00 2.74 13.20
CA ALA A 187 5.35 2.72 13.75
C ALA A 187 5.31 2.66 15.28
N ALA A 188 4.44 3.47 15.91
CA ALA A 188 4.38 3.51 17.39
C ALA A 188 3.92 2.14 17.92
N ASP A 189 2.98 1.48 17.25
CA ASP A 189 2.55 0.14 17.71
C ASP A 189 3.65 -0.89 17.52
N PHE A 190 4.42 -0.77 16.44
CA PHE A 190 5.55 -1.66 16.22
C PHE A 190 6.61 -1.53 17.31
N VAL A 191 7.04 -0.30 17.57
N VAL A 191 7.03 -0.30 17.60
CA VAL A 191 7.98 -0.02 18.64
CA VAL A 191 8.03 -0.13 18.64
C VAL A 191 7.39 -0.52 19.97
C VAL A 191 7.42 -0.42 20.03
N GLY A 192 6.10 -0.23 20.17
CA GLY A 192 5.40 -0.53 21.45
C GLY A 192 5.42 -1.99 21.81
N GLY A 193 5.33 -2.85 20.78
CA GLY A 193 5.33 -4.30 20.96
C GLY A 193 6.71 -4.92 21.06
N GLY A 194 7.76 -4.13 20.87
CA GLY A 194 9.12 -4.62 21.08
C GLY A 194 9.73 -5.41 19.93
N SER A 195 8.97 -5.65 18.84
CA SER A 195 9.51 -6.40 17.68
C SER A 195 10.63 -5.67 16.94
N VAL A 196 10.68 -4.35 17.11
CA VAL A 196 11.73 -3.49 16.55
C VAL A 196 12.09 -2.40 17.56
N ASP A 197 13.28 -1.83 17.45
CA ASP A 197 13.73 -0.72 18.30
C ASP A 197 13.48 0.67 17.69
N ALA A 198 13.40 0.71 16.35
CA ALA A 198 13.17 1.96 15.64
C ALA A 198 12.56 1.64 14.29
N VAL A 199 11.75 2.57 13.81
CA VAL A 199 11.05 2.46 12.53
C VAL A 199 11.39 3.72 11.75
N LEU A 200 11.70 3.53 10.47
CA LEU A 200 11.83 4.65 9.54
C LEU A 200 10.58 4.72 8.68
N MSE A 201 9.93 5.88 8.70
CA MSE A 201 8.84 6.14 7.76
C MSE A 201 9.35 7.08 6.68
O MSE A 201 10.02 8.07 6.99
CB MSE A 201 7.66 6.79 8.47
CG MSE A 201 6.54 7.19 7.49
SE MSE A 201 5.02 7.91 8.45
CE MSE A 201 5.73 9.67 8.91
N VAL A 202 9.02 6.81 5.42
CA VAL A 202 9.23 7.76 4.33
C VAL A 202 7.91 8.04 3.65
N ASN A 203 7.76 9.32 3.23
CA ASN A 203 6.55 9.77 2.51
C ASN A 203 6.99 10.49 1.24
N PRO A 204 7.37 9.71 0.21
CA PRO A 204 7.72 10.32 -1.09
C PRO A 204 6.44 10.56 -1.91
N GLU A 205 6.30 11.78 -2.39
CA GLU A 205 5.07 12.22 -3.07
C GLU A 205 5.48 12.90 -4.37
N ILE A 206 5.09 12.30 -5.50
CA ILE A 206 5.19 12.97 -6.80
C ILE A 206 3.76 13.23 -7.25
N CYS A 207 3.11 14.13 -6.52
CA CYS A 207 1.70 14.37 -6.79
C CYS A 207 1.49 15.01 -8.17
N SER A 208 2.50 15.72 -8.68
CA SER A 208 2.42 16.24 -10.05
C SER A 208 2.20 15.11 -11.05
N GLY A 209 2.60 13.89 -10.71
CA GLY A 209 2.41 12.73 -11.57
C GLY A 209 0.98 12.26 -11.71
N HIS A 210 0.10 12.66 -10.79
CA HIS A 210 -1.29 12.24 -10.87
C HIS A 210 -2.30 13.38 -10.85
N LEU A 211 -1.84 14.60 -11.10
CA LEU A 211 -2.72 15.75 -11.23
C LEU A 211 -3.13 15.95 -12.67
N ASN A 212 -4.35 16.45 -12.88
CA ASN A 212 -4.78 16.88 -14.18
C ASN A 212 -4.50 18.38 -14.37
N PHE A 213 -3.36 18.66 -15.02
CA PHE A 213 -2.97 20.07 -15.19
C PHE A 213 -3.86 20.86 -16.13
N ARG A 214 -4.78 20.19 -16.83
CA ARG A 214 -5.74 20.88 -17.68
C ARG A 214 -7.07 21.22 -16.96
N ASP A 215 -7.22 20.78 -15.74
CA ASP A 215 -8.46 20.99 -14.99
C ASP A 215 -8.41 22.27 -14.18
N ARG A 216 -9.24 23.25 -14.51
CA ARG A 216 -9.13 24.57 -13.87
C ARG A 216 -9.29 24.51 -12.36
N ASP A 217 -10.14 23.62 -11.89
CA ASP A 217 -10.38 23.61 -10.46
C ASP A 217 -9.34 22.85 -9.63
N SER A 218 -8.41 22.15 -10.29
CA SER A 218 -7.39 21.42 -9.54
C SER A 218 -5.95 21.61 -10.05
N HIS A 219 -5.71 22.34 -11.14
CA HIS A 219 -4.38 22.32 -11.77
C HIS A 219 -3.30 22.89 -10.88
N PHE A 220 -3.71 23.70 -9.90
CA PHE A 220 -2.78 24.36 -8.99
C PHE A 220 -2.54 23.60 -7.67
N ILE A 221 -3.26 22.49 -7.47
CA ILE A 221 -3.32 21.87 -6.14
C ILE A 221 -2.07 21.07 -5.76
N PHE A 222 -1.55 20.20 -6.64
CA PHE A 222 -0.51 19.21 -6.22
C PHE A 222 0.93 19.68 -6.52
N GLY A 223 1.79 19.34 -5.57
CA GLY A 223 3.24 19.47 -5.76
C GLY A 223 3.98 18.26 -5.24
N ASP A 224 5.31 18.32 -5.28
CA ASP A 224 6.17 17.17 -5.03
C ASP A 224 7.13 17.43 -3.89
N VAL A 225 7.48 16.35 -3.15
CA VAL A 225 8.34 16.45 -1.96
C VAL A 225 8.59 15.04 -1.47
N ALA A 226 9.57 14.88 -0.58
CA ALA A 226 9.56 13.68 0.28
C ALA A 226 9.87 14.06 1.71
N THR A 227 9.18 13.43 2.64
CA THR A 227 9.50 13.54 4.07
C THR A 227 9.92 12.20 4.65
N ALA A 228 10.51 12.25 5.84
CA ALA A 228 10.88 11.04 6.56
C ALA A 228 10.77 11.28 8.05
N ALA A 229 10.56 10.21 8.81
CA ALA A 229 10.59 10.31 10.27
C ALA A 229 11.12 9.05 10.85
N ILE A 230 11.78 9.15 11.99
CA ILE A 230 12.24 7.96 12.73
C ILE A 230 11.49 7.93 14.05
N VAL A 231 10.88 6.79 14.34
CA VAL A 231 10.11 6.59 15.57
C VAL A 231 10.85 5.55 16.39
N GLU A 232 11.07 5.83 17.67
CA GLU A 232 11.78 4.86 18.49
C GLU A 232 11.18 4.79 19.88
N ARG A 233 11.57 3.76 20.61
CA ARG A 233 11.09 3.68 21.97
CA ARG A 233 11.17 3.59 22.00
C ARG A 233 11.62 4.79 22.84
N ALA A 234 10.70 5.34 23.64
CA ALA A 234 10.98 6.48 24.52
C ALA A 234 12.10 6.19 25.52
N ASP A 235 12.13 4.95 26.02
N ASP A 235 12.16 4.94 25.99
CA ASP A 235 13.16 4.52 26.97
CA ASP A 235 13.17 4.58 27.00
C ASP A 235 14.57 4.90 26.48
C ASP A 235 14.61 4.64 26.50
N ASP A 236 14.80 4.75 25.18
CA ASP A 236 16.13 4.98 24.60
C ASP A 236 16.29 6.32 23.88
N ALA A 237 15.26 7.14 23.91
CA ALA A 237 15.27 8.37 23.12
C ALA A 237 15.95 9.52 23.84
N GLN A 238 16.71 10.30 23.08
CA GLN A 238 17.33 11.53 23.59
C GLN A 238 16.63 12.69 22.90
N GLY A 239 15.87 13.47 23.67
CA GLY A 239 15.08 14.57 23.09
C GLY A 239 14.00 14.04 22.17
N GLY A 240 13.69 14.82 21.14
CA GLY A 240 12.58 14.50 20.23
C GLY A 240 11.23 14.83 20.83
N TRP A 241 10.21 14.13 20.34
CA TRP A 241 8.82 14.43 20.65
C TRP A 241 8.11 13.16 21.12
N SER A 242 7.55 13.18 22.33
CA SER A 242 6.75 12.06 22.80
C SER A 242 5.47 11.96 22.01
N ILE A 243 5.11 10.74 21.60
CA ILE A 243 3.78 10.51 20.99
C ILE A 243 2.83 10.26 22.14
N LEU A 244 2.03 11.28 22.47
CA LEU A 244 1.05 11.16 23.57
C LEU A 244 -0.16 10.31 23.19
N GLY A 245 -0.50 10.30 21.90
CA GLY A 245 -1.68 9.54 21.47
C GLY A 245 -1.90 9.75 19.98
N THR A 246 -2.50 8.74 19.37
CA THR A 246 -2.93 8.82 17.97
C THR A 246 -4.36 8.37 17.87
N LYS A 247 -5.03 8.92 16.86
CA LYS A 247 -6.37 8.47 16.53
CA LYS A 247 -6.39 8.49 16.53
C LYS A 247 -6.52 8.52 15.02
N LEU A 248 -7.00 7.43 14.46
CA LEU A 248 -7.19 7.29 13.00
C LEU A 248 -8.66 7.06 12.67
N LYS A 249 -9.15 7.68 11.60
CA LYS A 249 -10.52 7.51 11.16
C LYS A 249 -10.58 7.50 9.65
N THR A 250 -11.42 6.62 9.11
CA THR A 250 -11.75 6.63 7.68
C THR A 250 -13.24 6.57 7.50
N GLN A 251 -13.73 7.19 6.43
CA GLN A 251 -15.15 7.25 6.12
C GLN A 251 -15.26 7.39 4.59
N PHE A 252 -15.66 6.32 3.92
CA PHE A 252 -15.60 6.25 2.46
C PHE A 252 -16.28 7.44 1.78
N SER A 253 -15.56 8.05 0.83
CA SER A 253 -16.13 9.08 -0.02
C SER A 253 -15.49 9.00 -1.38
N ASN A 254 -16.29 9.22 -2.41
CA ASN A 254 -15.79 9.36 -3.78
C ASN A 254 -15.47 10.81 -4.15
N ASN A 255 -15.50 11.71 -3.17
CA ASN A 255 -15.25 13.13 -3.49
C ASN A 255 -13.81 13.45 -3.79
N ILE A 256 -12.90 12.52 -3.51
CA ILE A 256 -11.52 12.60 -4.01
C ILE A 256 -11.21 11.18 -4.49
N ARG A 257 -10.93 11.01 -5.79
CA ARG A 257 -10.76 9.68 -6.35
C ARG A 257 -9.89 9.73 -7.58
N ASN A 258 -9.20 8.62 -7.83
CA ASN A 258 -8.36 8.47 -9.04
C ASN A 258 -8.46 6.99 -9.39
N ASN A 259 -9.02 6.67 -10.56
CA ASN A 259 -9.33 5.30 -10.98
C ASN A 259 -8.21 4.59 -11.72
N ALA A 260 -7.04 5.21 -11.85
CA ALA A 260 -5.90 4.56 -12.52
C ALA A 260 -5.42 3.36 -11.72
N GLY A 261 -5.09 2.29 -12.43
CA GLY A 261 -4.49 1.14 -11.75
C GLY A 261 -4.36 -0.04 -12.68
N PHE A 262 -3.99 -1.18 -12.08
CA PHE A 262 -3.53 -2.34 -12.84
C PHE A 262 -4.60 -2.96 -13.73
N LEU A 263 -5.89 -2.79 -13.38
CA LEU A 263 -6.93 -3.36 -14.20
C LEU A 263 -7.27 -2.46 -15.39
N ASN A 264 -6.68 -1.28 -15.51
CA ASN A 264 -7.00 -0.46 -16.70
C ASN A 264 -6.61 -1.19 -18.00
N ARG A 265 -5.59 -2.04 -17.97
CA ARG A 265 -5.19 -2.76 -19.17
C ARG A 265 -6.26 -3.75 -19.63
N ALA A 266 -7.18 -4.10 -18.72
CA ALA A 266 -8.31 -4.99 -19.04
C ALA A 266 -9.51 -4.21 -19.60
N TRP A 267 -9.38 -2.88 -19.66
CA TRP A 267 -10.39 -2.03 -20.32
C TRP A 267 -9.69 -0.81 -20.95
N PRO A 268 -8.94 -1.04 -22.03
CA PRO A 268 -8.12 0.04 -22.61
C PRO A 268 -8.91 1.27 -23.05
N GLU A 269 -10.21 1.13 -23.38
CA GLU A 269 -10.99 2.29 -23.77
C GLU A 269 -10.91 3.38 -22.70
N GLY A 270 -10.78 2.99 -21.43
CA GLY A 270 -10.80 3.98 -20.35
C GLY A 270 -9.46 4.56 -19.96
N ARG A 271 -8.37 4.12 -20.59
CA ARG A 271 -7.07 4.28 -19.95
C ARG A 271 -6.57 5.71 -19.88
N ASP A 272 -7.05 6.58 -20.74
CA ASP A 272 -6.62 7.99 -20.74
C ASP A 272 -7.77 8.94 -20.42
N LYS A 273 -8.87 8.42 -19.87
CA LYS A 273 -9.98 9.27 -19.45
C LYS A 273 -9.61 10.12 -18.22
N ALA A 274 -10.30 11.24 -18.04
CA ALA A 274 -9.96 12.18 -16.99
C ALA A 274 -10.06 11.56 -15.58
N ASP A 275 -10.85 10.49 -15.45
CA ASP A 275 -10.97 9.83 -14.12
C ASP A 275 -9.75 9.02 -13.75
N LYS A 276 -8.76 8.94 -14.65
CA LYS A 276 -7.49 8.26 -14.37
C LYS A 276 -6.42 9.19 -13.81
N LEU A 277 -6.85 10.40 -13.43
CA LEU A 277 -6.04 11.35 -12.67
C LEU A 277 -6.89 11.81 -11.48
N PHE A 278 -6.32 12.65 -10.61
CA PHE A 278 -7.03 13.17 -9.42
C PHE A 278 -8.30 13.88 -9.86
N VAL A 279 -9.42 13.47 -9.28
CA VAL A 279 -10.72 14.13 -9.48
C VAL A 279 -11.25 14.46 -8.09
N GLN A 280 -11.49 15.74 -7.85
CA GLN A 280 -11.99 16.20 -6.57
C GLN A 280 -13.23 17.05 -6.76
N GLN A 281 -14.23 16.80 -5.90
CA GLN A 281 -15.39 17.68 -5.78
C GLN A 281 -15.12 18.56 -4.58
N GLY A 282 -14.44 19.69 -4.86
CA GLY A 282 -13.78 20.43 -3.80
C GLY A 282 -14.66 21.09 -2.75
N ARG A 283 -15.84 21.55 -3.17
N ARG A 283 -15.84 21.57 -3.16
CA ARG A 283 -16.75 22.19 -2.21
CA ARG A 283 -16.74 22.19 -2.19
C ARG A 283 -17.33 21.17 -1.22
C ARG A 283 -17.33 21.17 -1.21
N LYS A 284 -17.68 19.99 -1.73
CA LYS A 284 -18.13 18.90 -0.86
C LYS A 284 -17.04 18.50 0.12
N VAL A 285 -15.79 18.40 -0.36
CA VAL A 285 -14.68 18.07 0.55
C VAL A 285 -14.54 19.12 1.67
N PHE A 286 -14.56 20.38 1.27
CA PHE A 286 -14.42 21.47 2.23
C PHE A 286 -15.53 21.39 3.30
N LYS A 287 -16.77 21.25 2.86
CA LYS A 287 -17.89 21.26 3.77
C LYS A 287 -17.96 20.03 4.68
N GLU A 288 -17.49 18.89 4.17
CA GLU A 288 -17.59 17.63 4.94
C GLU A 288 -16.38 17.36 5.82
N VAL A 289 -15.18 17.62 5.27
CA VAL A 289 -13.96 17.24 6.00
C VAL A 289 -13.64 18.20 7.15
N VAL A 290 -13.95 19.50 7.02
CA VAL A 290 -13.68 20.45 8.11
C VAL A 290 -14.34 20.05 9.44
N PRO A 291 -15.67 19.80 9.45
CA PRO A 291 -16.24 19.41 10.74
C PRO A 291 -15.82 18.02 11.20
N LEU A 292 -15.65 17.08 10.27
CA LEU A 292 -15.16 15.74 10.63
C LEU A 292 -13.84 15.87 11.42
N VAL A 293 -12.90 16.66 10.91
CA VAL A 293 -11.59 16.79 11.51
C VAL A 293 -11.62 17.58 12.81
N SER A 294 -12.34 18.70 12.84
N SER A 294 -12.32 18.72 12.85
CA SER A 294 -12.44 19.52 14.04
CA SER A 294 -12.33 19.50 14.09
C SER A 294 -12.95 18.72 15.21
C SER A 294 -12.95 18.73 15.25
N GLU A 295 -14.05 18.02 14.98
CA GLU A 295 -14.70 17.22 16.04
C GLU A 295 -13.76 16.11 16.48
N MSE A 296 -13.08 15.45 15.52
CA MSE A 296 -12.15 14.38 15.86
C MSE A 296 -11.01 14.89 16.75
O MSE A 296 -10.66 14.22 17.75
CB MSE A 296 -11.57 13.73 14.60
CG MSE A 296 -10.53 12.69 14.87
SE MSE A 296 -9.82 12.18 13.12
CE MSE A 296 -8.64 10.82 13.64
N ILE A 297 -10.41 16.01 16.37
CA ILE A 297 -9.31 16.56 17.18
C ILE A 297 -9.74 16.86 18.62
N ILE A 298 -10.87 17.55 18.75
CA ILE A 298 -11.36 17.96 20.06
C ILE A 298 -11.71 16.74 20.92
N GLU A 299 -12.38 15.77 20.33
CA GLU A 299 -12.74 14.55 21.06
C GLU A 299 -11.50 13.76 21.46
N HIS A 300 -10.52 13.67 20.56
CA HIS A 300 -9.31 12.94 20.90
C HIS A 300 -8.53 13.62 22.03
N ALA A 301 -8.39 14.93 21.94
CA ALA A 301 -7.73 15.69 22.99
C ALA A 301 -8.38 15.38 24.35
N ARG A 302 -9.71 15.43 24.40
CA ARG A 302 -10.44 15.18 25.66
CA ARG A 302 -10.46 15.16 25.65
C ARG A 302 -10.18 13.76 26.17
N GLU A 303 -10.20 12.79 25.27
CA GLU A 303 -9.95 11.39 25.61
C GLU A 303 -8.62 11.21 26.33
N ILE A 304 -7.60 11.94 25.89
CA ILE A 304 -6.27 11.76 26.47
C ILE A 304 -5.87 12.85 27.48
N GLY A 305 -6.86 13.66 27.89
CA GLY A 305 -6.65 14.64 28.95
C GLY A 305 -5.89 15.91 28.56
N ILE A 306 -5.94 16.26 27.28
CA ILE A 306 -5.33 17.48 26.79
C ILE A 306 -6.43 18.53 26.56
N ASP A 307 -6.20 19.75 27.05
CA ASP A 307 -7.05 20.88 26.65
C ASP A 307 -6.50 21.43 25.32
N PRO A 308 -7.26 21.27 24.23
CA PRO A 308 -6.73 21.76 22.94
C PRO A 308 -6.47 23.27 22.89
N HIS A 309 -7.14 24.04 23.75
CA HIS A 309 -6.88 25.47 23.84
C HIS A 309 -5.47 25.74 24.34
N GLY A 310 -4.85 24.75 24.98
CA GLY A 310 -3.46 24.88 25.45
C GLY A 310 -2.34 24.39 24.53
N LEU A 311 -2.67 24.00 23.30
CA LEU A 311 -1.64 23.60 22.35
C LEU A 311 -0.70 24.74 22.06
N LYS A 312 0.58 24.45 22.01
CA LYS A 312 1.57 25.46 21.63
C LYS A 312 1.55 25.70 20.11
N ARG A 313 1.41 24.63 19.33
CA ARG A 313 1.49 24.76 17.88
C ARG A 313 0.67 23.62 17.24
N MSE A 314 0.11 23.91 16.07
CA MSE A 314 -0.57 22.92 15.22
C MSE A 314 0.12 22.84 13.88
O MSE A 314 0.40 23.86 13.23
CB MSE A 314 -2.04 23.32 15.04
CG MSE A 314 -2.78 23.38 16.38
SE MSE A 314 -4.57 24.07 16.18
CE MSE A 314 -4.13 25.84 15.60
N TRP A 315 0.35 21.60 13.46
CA TRP A 315 0.83 21.29 12.11
C TRP A 315 -0.24 20.48 11.40
N LEU A 316 -1.18 21.19 10.81
CA LEU A 316 -2.29 20.54 10.13
C LEU A 316 -1.90 20.16 8.70
N HIS A 317 -2.79 19.45 8.02
CA HIS A 317 -2.62 19.10 6.63
C HIS A 317 -2.36 20.36 5.82
N GLN A 318 -1.71 20.20 4.66
CA GLN A 318 -1.25 21.37 3.91
C GLN A 318 -1.78 21.35 2.49
N ALA A 319 -3.07 21.62 2.36
CA ALA A 319 -3.75 21.65 1.05
C ALA A 319 -4.53 22.91 0.81
N ASN A 320 -5.16 23.48 1.84
CA ASN A 320 -6.06 24.60 1.62
C ASN A 320 -6.09 25.48 2.87
N ILE A 321 -5.52 26.68 2.77
CA ILE A 321 -5.40 27.54 3.93
C ILE A 321 -6.76 27.85 4.55
N ASN A 322 -7.80 27.88 3.71
CA ASN A 322 -9.15 28.22 4.20
C ASN A 322 -9.68 27.16 5.14
N MSE A 323 -9.33 25.91 4.89
CA MSE A 323 -9.70 24.79 5.79
C MSE A 323 -8.88 24.88 7.07
O MSE A 323 -9.43 24.76 8.18
CB MSE A 323 -9.53 23.43 5.07
CG MSE A 323 -10.61 23.25 4.02
SE MSE A 323 -10.42 21.69 2.92
CE MSE A 323 -10.80 20.38 4.24
N ASN A 324 -7.57 25.11 6.95
CA ASN A 324 -6.72 25.24 8.12
C ASN A 324 -7.15 26.36 9.08
N GLU A 325 -7.64 27.46 8.52
CA GLU A 325 -8.05 28.60 9.35
C GLU A 325 -9.24 28.23 10.21
N ILE A 326 -10.20 27.54 9.62
CA ILE A 326 -11.41 27.19 10.36
C ILE A 326 -11.11 26.11 11.40
N ILE A 327 -10.41 25.05 11.00
CA ILE A 327 -10.11 23.99 11.94
C ILE A 327 -9.23 24.52 13.08
N GLY A 328 -8.21 25.32 12.75
CA GLY A 328 -7.29 25.85 13.77
C GLY A 328 -8.00 26.70 14.80
N ARG A 329 -8.90 27.56 14.33
CA ARG A 329 -9.68 28.43 15.22
C ARG A 329 -10.61 27.58 16.12
N LYS A 330 -11.25 26.54 15.56
CA LYS A 330 -12.11 25.66 16.34
C LYS A 330 -11.35 24.90 17.43
N VAL A 331 -10.17 24.40 17.08
CA VAL A 331 -9.38 23.62 18.02
C VAL A 331 -8.81 24.49 19.14
N LEU A 332 -8.27 25.65 18.78
CA LEU A 332 -7.57 26.47 19.75
C LEU A 332 -8.53 27.33 20.56
N GLY A 333 -9.75 27.50 20.05
CA GLY A 333 -10.79 28.33 20.71
C GLY A 333 -10.54 29.83 20.58
N ARG A 334 -9.66 30.21 19.66
N ARG A 334 -9.64 30.20 19.68
CA ARG A 334 -9.35 31.60 19.37
CA ARG A 334 -9.28 31.60 19.41
C ARG A 334 -8.61 31.62 18.04
C ARG A 334 -8.56 31.63 18.07
N ASP A 335 -8.35 32.81 17.50
CA ASP A 335 -7.61 32.92 16.24
C ASP A 335 -6.13 32.63 16.50
N PRO A 336 -5.60 31.57 15.86
CA PRO A 336 -4.18 31.26 16.00
C PRO A 336 -3.33 32.34 15.36
N THR A 337 -2.17 32.62 15.95
CA THR A 337 -1.18 33.41 15.23
C THR A 337 -0.59 32.61 14.08
N ARG A 338 0.18 33.26 13.21
CA ARG A 338 0.82 32.55 12.11
C ARG A 338 1.78 31.47 12.61
N ASP A 339 2.45 31.73 13.73
CA ASP A 339 3.38 30.76 14.31
C ASP A 339 2.64 29.56 14.92
N GLU A 340 1.41 29.79 15.41
CA GLU A 340 0.63 28.71 16.07
C GLU A 340 -0.05 27.75 15.10
N ASN A 341 -0.32 28.19 13.87
CA ASN A 341 -1.01 27.34 12.90
C ASN A 341 -0.18 27.38 11.63
N VAL A 342 0.70 26.39 11.51
CA VAL A 342 1.81 26.47 10.55
C VAL A 342 1.32 26.30 9.11
N ILE A 343 1.78 27.18 8.23
CA ILE A 343 1.39 27.12 6.81
C ILE A 343 2.67 26.97 6.00
N ILE A 344 2.78 25.84 5.28
CA ILE A 344 3.84 25.65 4.28
C ILE A 344 3.31 25.41 2.88
N LEU A 345 1.98 25.29 2.76
CA LEU A 345 1.36 25.04 1.44
C LEU A 345 1.52 26.20 0.48
N ASP A 346 1.83 27.40 0.98
CA ASP A 346 2.14 28.48 0.07
C ASP A 346 3.29 28.19 -0.88
N ASP A 347 4.30 27.49 -0.37
CA ASP A 347 5.50 27.14 -1.13
C ASP A 347 5.42 25.75 -1.79
N TYR A 348 4.78 24.82 -1.08
CA TYR A 348 4.80 23.40 -1.50
C TYR A 348 3.53 22.94 -2.19
N ALA A 349 2.49 23.78 -2.20
CA ALA A 349 1.13 23.35 -2.58
C ALA A 349 0.76 22.13 -1.75
N ASN A 350 -0.15 21.31 -2.25
CA ASN A 350 -0.60 20.11 -1.55
C ASN A 350 0.27 18.93 -1.95
N THR A 351 0.96 18.35 -0.96
CA THR A 351 1.80 17.16 -1.19
C THR A 351 1.16 15.91 -0.57
N SER A 352 -0.15 15.95 -0.38
CA SER A 352 -0.90 14.79 0.14
C SER A 352 -0.28 14.39 1.47
N SER A 353 0.18 13.15 1.60
CA SER A 353 0.59 12.63 2.92
C SER A 353 1.64 13.48 3.61
N ALA A 354 2.55 14.06 2.83
CA ALA A 354 3.76 14.67 3.42
C ALA A 354 3.51 16.02 4.06
N GLY A 355 2.42 16.68 3.70
CA GLY A 355 2.25 18.13 4.02
C GLY A 355 2.40 18.45 5.50
N SER A 356 1.67 17.74 6.34
CA SER A 356 1.74 18.00 7.79
C SER A 356 3.14 17.73 8.33
N ILE A 357 3.85 16.76 7.74
CA ILE A 357 5.21 16.44 8.18
C ILE A 357 6.19 17.52 7.74
N ILE A 358 6.00 18.10 6.55
CA ILE A 358 6.83 19.24 6.17
C ILE A 358 6.65 20.38 7.19
N ALA A 359 5.41 20.67 7.56
CA ALA A 359 5.14 21.75 8.51
C ALA A 359 5.84 21.48 9.84
N PHE A 360 5.67 20.26 10.36
CA PHE A 360 6.31 19.85 11.60
C PHE A 360 7.82 19.94 11.51
N HIS A 361 8.41 19.42 10.43
CA HIS A 361 9.86 19.43 10.27
C HIS A 361 10.43 20.85 10.22
N LYS A 362 9.76 21.73 9.47
CA LYS A 362 10.33 23.06 9.23
C LYS A 362 10.05 24.06 10.32
N HIS A 363 9.07 23.79 11.17
CA HIS A 363 8.62 24.82 12.13
C HIS A 363 8.42 24.30 13.53
N GLN A 364 9.51 23.94 14.17
CA GLN A 364 9.39 23.51 15.54
C GLN A 364 10.36 24.31 16.43
N ASP A 365 10.73 25.49 15.93
N ASP A 365 10.73 25.49 15.95
CA ASP A 365 11.59 26.45 16.66
CA ASP A 365 11.61 26.40 16.68
C ASP A 365 10.81 27.18 17.74
C ASP A 365 10.82 27.19 17.72
N ASP A 366 11.53 27.67 18.74
CA ASP A 366 10.95 28.49 19.82
C ASP A 366 9.92 27.72 20.63
N MSE A 367 10.10 26.41 20.72
CA MSE A 367 9.25 25.58 21.55
C MSE A 367 10.07 24.97 22.66
O MSE A 367 11.23 24.56 22.44
CB MSE A 367 8.56 24.49 20.72
CG MSE A 367 7.54 25.10 19.75
SE MSE A 367 6.72 23.77 18.64
CE MSE A 367 5.36 23.12 19.88
N ALA A 368 9.47 24.91 23.83
CA ALA A 368 10.19 24.54 25.04
C ALA A 368 9.81 23.12 25.44
N GLN A 369 10.70 22.47 26.18
CA GLN A 369 10.38 21.18 26.79
C GLN A 369 9.02 21.26 27.47
N GLY A 370 8.17 20.26 27.18
CA GLY A 370 6.84 20.21 27.75
C GLY A 370 5.73 20.78 26.88
N ASP A 371 6.11 21.56 25.85
CA ASP A 371 5.10 22.18 24.98
C ASP A 371 4.34 21.09 24.19
N LEU A 372 3.04 21.30 24.02
CA LEU A 372 2.19 20.33 23.33
C LEU A 372 1.98 20.78 21.88
N GLY A 373 2.01 19.80 20.98
CA GLY A 373 1.72 20.06 19.58
C GLY A 373 0.80 19.03 19.00
N LEU A 374 0.28 19.33 17.82
CA LEU A 374 -0.63 18.40 17.11
C LEU A 374 -0.20 18.30 15.66
N ILE A 375 0.08 17.08 15.21
CA ILE A 375 0.24 16.78 13.77
C ILE A 375 -1.07 16.16 13.32
N CYS A 376 -1.71 16.73 12.31
CA CYS A 376 -3.00 16.19 11.90
C CYS A 376 -3.09 16.23 10.38
N SER A 377 -3.41 15.10 9.78
CA SER A 377 -3.60 14.99 8.33
C SER A 377 -5.06 14.66 8.04
N PHE A 378 -5.50 14.98 6.83
CA PHE A 378 -6.87 14.69 6.41
C PHE A 378 -6.98 14.85 4.92
N GLY A 379 -7.79 14.01 4.30
CA GLY A 379 -8.01 14.10 2.84
C GLY A 379 -8.64 12.84 2.30
N ALA A 380 -8.12 12.38 1.17
CA ALA A 380 -8.78 11.34 0.40
C ALA A 380 -9.02 10.08 1.20
N GLY A 381 -10.19 9.51 0.97
CA GLY A 381 -10.58 8.25 1.64
C GLY A 381 -12.08 8.23 1.83
N TYR A 382 -12.64 9.17 2.63
CA TYR A 382 -11.93 10.14 3.46
C TYR A 382 -11.08 9.46 4.50
N SER A 383 -10.02 10.14 4.89
CA SER A 383 -9.13 9.74 5.96
C SER A 383 -8.74 10.90 6.82
N ALA A 384 -8.53 10.64 8.12
CA ALA A 384 -7.98 11.68 9.00
C ALA A 384 -7.19 11.00 10.10
N GLY A 385 -6.12 11.64 10.53
CA GLY A 385 -5.33 11.10 11.64
C GLY A 385 -4.80 12.22 12.51
N THR A 386 -4.82 11.99 13.83
CA THR A 386 -4.26 12.94 14.78
C THR A 386 -3.11 12.31 15.52
N VAL A 387 -2.05 13.10 15.75
CA VAL A 387 -0.88 12.67 16.55
C VAL A 387 -0.59 13.82 17.49
N PHE A 388 -0.93 13.64 18.77
CA PHE A 388 -0.57 14.63 19.78
C PHE A 388 0.82 14.34 20.29
N VAL A 389 1.63 15.39 20.39
CA VAL A 389 3.04 15.23 20.73
C VAL A 389 3.43 16.22 21.84
N GLN A 390 4.52 15.90 22.52
CA GLN A 390 5.05 16.79 23.56
C GLN A 390 6.57 16.88 23.44
N LYS A 391 7.11 18.09 23.51
CA LYS A 391 8.55 18.28 23.33
C LYS A 391 9.28 17.73 24.54
N ARG A 392 10.25 16.86 24.28
CA ARG A 392 11.05 16.28 25.35
C ARG A 392 12.24 17.13 25.72
N TYR B 18 0.42 2.84 36.37
CA TYR B 18 -0.06 1.62 35.66
C TYR B 18 0.56 1.46 34.28
N PHE B 19 0.78 0.22 33.90
CA PHE B 19 1.29 -0.05 32.59
C PHE B 19 0.25 -0.84 31.86
N GLN B 20 0.06 -0.49 30.60
CA GLN B 20 -0.74 -1.30 29.73
C GLN B 20 0.16 -2.44 29.26
N GLY B 21 -0.37 -3.67 29.34
CA GLY B 21 0.37 -4.88 28.97
C GLY B 21 0.08 -5.22 27.52
N VAL B 22 1.06 -5.79 26.81
CA VAL B 22 0.85 -6.26 25.42
C VAL B 22 -0.05 -7.49 25.44
N ARG B 23 -1.19 -7.38 24.73
CA ARG B 23 -2.26 -8.40 24.62
CA ARG B 23 -2.18 -8.46 24.69
C ARG B 23 -1.88 -9.45 23.55
N PRO B 24 -1.69 -10.75 23.89
CA PRO B 24 -1.50 -11.73 22.78
C PRO B 24 -2.73 -11.82 21.89
N ALA B 25 -2.50 -12.26 20.66
CA ALA B 25 -3.54 -12.24 19.65
C ALA B 25 -3.86 -13.64 19.12
N VAL B 26 -5.07 -13.79 18.59
N VAL B 26 -5.05 -13.76 18.52
CA VAL B 26 -5.45 -15.02 17.91
CA VAL B 26 -5.61 -15.02 18.00
C VAL B 26 -5.94 -14.71 16.51
C VAL B 26 -6.21 -14.81 16.60
N ILE B 27 -5.90 -15.72 15.66
CA ILE B 27 -6.61 -15.72 14.38
C ILE B 27 -7.95 -16.38 14.71
N ALA B 28 -8.99 -15.57 14.81
CA ALA B 28 -10.33 -16.00 15.27
C ALA B 28 -11.20 -16.61 14.19
N ALA B 29 -10.98 -16.21 12.94
CA ALA B 29 -11.75 -16.75 11.83
C ALA B 29 -11.07 -16.38 10.55
N THR B 30 -11.37 -17.15 9.53
CA THR B 30 -10.92 -16.86 8.16
C THR B 30 -12.10 -17.03 7.19
N GLY B 31 -11.95 -16.38 6.04
CA GLY B 31 -12.93 -16.46 4.94
C GLY B 31 -12.26 -16.62 3.60
N LEU B 32 -12.99 -17.14 2.63
CA LEU B 32 -12.46 -17.42 1.30
C LEU B 32 -13.55 -17.17 0.26
N TYR B 33 -13.17 -16.44 -0.80
CA TYR B 33 -13.98 -16.32 -2.00
C TYR B 33 -13.20 -16.93 -3.16
N THR B 34 -13.81 -17.91 -3.84
CA THR B 34 -13.21 -18.58 -5.00
C THR B 34 -14.07 -18.20 -6.21
N PRO B 35 -13.45 -17.58 -7.23
CA PRO B 35 -14.24 -17.27 -8.44
C PRO B 35 -14.84 -18.53 -9.06
N PRO B 36 -16.00 -18.40 -9.70
CA PRO B 36 -16.70 -19.57 -10.25
C PRO B 36 -16.03 -20.19 -11.47
N ASP B 37 -15.25 -19.41 -12.23
CA ASP B 37 -14.68 -19.92 -13.50
C ASP B 37 -13.22 -20.31 -13.31
N SER B 38 -12.86 -21.41 -13.96
CA SER B 38 -11.49 -21.92 -13.95
C SER B 38 -10.97 -22.01 -15.36
N VAL B 39 -9.65 -21.90 -15.49
CA VAL B 39 -8.97 -22.20 -16.75
C VAL B 39 -8.03 -23.36 -16.44
N SER B 40 -8.30 -24.53 -17.02
CA SER B 40 -7.40 -25.65 -16.79
C SER B 40 -6.08 -25.40 -17.54
N ASN B 41 -5.01 -26.12 -17.19
CA ASN B 41 -3.80 -26.04 -18.00
C ASN B 41 -4.10 -26.34 -19.47
N ALA B 42 -4.93 -27.36 -19.73
CA ALA B 42 -5.25 -27.70 -21.12
C ALA B 42 -5.88 -26.53 -21.89
N GLU B 43 -6.82 -25.83 -21.26
CA GLU B 43 -7.43 -24.67 -21.91
C GLU B 43 -6.45 -23.52 -22.11
N LEU B 44 -5.62 -23.30 -21.09
CA LEU B 44 -4.63 -22.23 -21.13
C LEU B 44 -3.65 -22.46 -22.27
N VAL B 45 -3.14 -23.69 -22.35
CA VAL B 45 -2.16 -24.08 -23.34
C VAL B 45 -2.75 -24.10 -24.76
N GLU B 46 -4.01 -24.50 -24.92
CA GLU B 46 -4.64 -24.49 -26.24
CA GLU B 46 -4.62 -24.48 -26.25
C GLU B 46 -4.65 -23.07 -26.80
N ALA B 47 -5.05 -22.11 -25.96
CA ALA B 47 -5.10 -20.72 -26.44
C ALA B 47 -3.70 -20.17 -26.64
N PHE B 48 -2.81 -20.47 -25.70
CA PHE B 48 -1.42 -19.97 -25.80
C PHE B 48 -0.74 -20.47 -27.08
N ASN B 49 -0.92 -21.75 -27.40
CA ASN B 49 -0.26 -22.32 -28.57
C ASN B 49 -0.85 -21.80 -29.87
N THR B 50 -2.15 -21.51 -29.87
CA THR B 50 -2.73 -20.86 -31.06
C THR B 50 -2.18 -19.45 -31.19
N TYR B 51 -2.08 -18.74 -30.08
CA TYR B 51 -1.45 -17.44 -30.08
C TYR B 51 -0.01 -17.49 -30.64
N VAL B 52 0.79 -18.45 -30.16
CA VAL B 52 2.17 -18.60 -30.63
C VAL B 52 2.22 -18.78 -32.15
N ALA B 53 1.40 -19.70 -32.65
CA ALA B 53 1.39 -19.93 -34.11
C ALA B 53 0.95 -18.69 -34.87
N ASN B 54 -0.10 -18.03 -34.39
CA ASN B 54 -0.58 -16.81 -35.03
CA ASN B 54 -0.59 -16.82 -35.03
C ASN B 54 0.48 -15.72 -35.02
N PHE B 55 1.11 -15.55 -33.87
CA PHE B 55 2.12 -14.51 -33.72
C PHE B 55 3.34 -14.75 -34.62
N ASN B 56 3.84 -15.98 -34.62
CA ASN B 56 5.02 -16.29 -35.45
C ASN B 56 4.73 -16.09 -36.94
N ALA B 57 3.51 -16.43 -37.39
CA ALA B 57 3.16 -16.25 -38.79
C ALA B 57 2.99 -14.76 -39.08
N ALA B 58 2.28 -14.04 -38.22
CA ALA B 58 2.05 -12.62 -38.47
C ALA B 58 3.33 -11.80 -38.51
N ASN B 59 4.32 -12.22 -37.72
CA ASN B 59 5.56 -11.49 -37.59
C ASN B 59 6.71 -12.19 -38.29
N LYS B 60 6.42 -13.04 -39.25
CA LYS B 60 7.47 -13.85 -39.86
C LYS B 60 8.59 -13.01 -40.47
N ALA B 61 8.28 -11.87 -41.05
CA ALA B 61 9.36 -11.09 -41.68
C ALA B 61 10.27 -10.45 -40.61
N ARG B 62 9.71 -9.93 -39.52
CA ARG B 62 10.51 -9.38 -38.42
C ARG B 62 11.33 -10.46 -37.73
N ILE B 63 10.76 -11.65 -37.59
CA ILE B 63 11.47 -12.81 -37.01
C ILE B 63 12.63 -13.22 -37.91
N GLU B 64 12.40 -13.38 -39.20
CA GLU B 64 13.49 -13.79 -40.08
C GLU B 64 14.58 -12.75 -40.23
N ALA B 65 14.23 -11.48 -40.09
CA ALA B 65 15.23 -10.39 -40.07
C ALA B 65 16.06 -10.38 -38.79
N GLY B 66 15.62 -11.10 -37.76
CA GLY B 66 16.30 -11.10 -36.48
C GLY B 66 15.91 -10.00 -35.51
N GLU B 67 14.82 -9.28 -35.79
N GLU B 67 14.82 -9.29 -35.79
CA GLU B 67 14.32 -8.23 -34.87
CA GLU B 67 14.35 -8.24 -34.87
C GLU B 67 13.77 -8.80 -33.56
C GLU B 67 13.82 -8.84 -33.56
N ILE B 68 13.03 -9.89 -33.65
CA ILE B 68 12.54 -10.61 -32.44
C ILE B 68 12.64 -12.10 -32.59
N GLU B 69 12.68 -12.80 -31.45
CA GLU B 69 12.75 -14.24 -31.45
C GLU B 69 11.36 -14.76 -31.71
N PRO B 70 11.28 -15.92 -32.38
CA PRO B 70 10.01 -16.57 -32.45
C PRO B 70 9.55 -16.99 -31.08
N LEU B 71 8.24 -17.11 -30.91
CA LEU B 71 7.70 -17.66 -29.69
C LEU B 71 7.74 -19.19 -29.73
N GLN B 72 7.75 -19.77 -28.53
N GLN B 72 7.78 -19.80 -28.55
CA GLN B 72 7.79 -21.23 -28.33
CA GLN B 72 7.74 -21.25 -28.49
C GLN B 72 6.46 -21.71 -27.71
C GLN B 72 6.48 -21.72 -27.77
N PRO B 73 5.91 -22.85 -28.19
CA PRO B 73 4.69 -23.36 -27.52
C PRO B 73 4.93 -23.82 -26.08
N SER B 74 3.84 -23.83 -25.33
CA SER B 74 3.83 -24.31 -23.96
C SER B 74 3.22 -25.74 -23.96
N SER B 75 3.16 -26.36 -22.77
CA SER B 75 2.50 -27.65 -22.61
C SER B 75 2.06 -27.80 -21.17
N SER B 76 1.03 -28.61 -20.96
CA SER B 76 0.59 -28.90 -19.61
C SER B 76 1.68 -29.63 -18.82
N GLU B 77 2.43 -30.53 -19.47
CA GLU B 77 3.51 -31.22 -18.76
CA GLU B 77 3.54 -31.23 -18.82
C GLU B 77 4.59 -30.24 -18.31
N PHE B 78 4.95 -29.25 -19.14
CA PHE B 78 5.93 -28.21 -18.75
C PHE B 78 5.43 -27.47 -17.48
N ILE B 79 4.16 -27.07 -17.50
CA ILE B 79 3.59 -26.29 -16.39
C ILE B 79 3.59 -27.12 -15.12
N GLU B 80 3.09 -28.35 -15.21
CA GLU B 80 2.93 -29.16 -14.01
C GLU B 80 4.32 -29.50 -13.43
N LYS B 81 5.32 -29.78 -14.28
CA LYS B 81 6.69 -30.06 -13.79
CA LYS B 81 6.67 -30.06 -13.77
C LYS B 81 7.35 -28.83 -13.16
N ALA B 82 7.12 -27.66 -13.76
CA ALA B 82 7.73 -26.41 -13.32
C ALA B 82 7.17 -25.94 -11.97
N SER B 83 5.94 -26.33 -11.63
CA SER B 83 5.23 -25.62 -10.55
C SER B 83 4.24 -26.46 -9.74
N GLY B 84 3.75 -27.56 -10.30
CA GLY B 84 2.65 -28.30 -9.68
C GLY B 84 1.27 -27.72 -9.93
N ILE B 85 1.20 -26.63 -10.69
CA ILE B 85 -0.08 -25.99 -10.99
C ILE B 85 -0.84 -26.80 -12.05
N LYS B 86 -2.14 -27.02 -11.85
CA LYS B 86 -2.97 -27.77 -12.83
C LYS B 86 -4.11 -26.95 -13.40
N SER B 87 -4.47 -25.85 -12.71
CA SER B 87 -5.63 -25.03 -13.05
C SER B 87 -5.48 -23.72 -12.31
N ARG B 88 -6.32 -22.75 -12.66
CA ARG B 88 -6.40 -21.53 -11.85
C ARG B 88 -7.79 -20.99 -12.00
N TYR B 89 -8.26 -20.30 -10.97
CA TYR B 89 -9.52 -19.59 -11.07
C TYR B 89 -9.27 -18.19 -11.58
N VAL B 90 -10.24 -17.68 -12.33
CA VAL B 90 -10.12 -16.33 -12.89
C VAL B 90 -11.41 -15.57 -12.76
N VAL B 91 -11.30 -14.26 -12.58
CA VAL B 91 -12.54 -13.44 -12.48
C VAL B 91 -13.23 -13.23 -13.82
N ALA B 92 -12.46 -13.31 -14.90
CA ALA B 92 -12.97 -12.98 -16.22
C ALA B 92 -12.30 -13.87 -17.25
N LYS B 93 -12.95 -14.99 -17.56
CA LYS B 93 -12.34 -16.04 -18.39
C LYS B 93 -12.19 -15.80 -19.90
N PRO B 94 -13.20 -15.22 -20.59
CA PRO B 94 -13.19 -15.28 -22.05
C PRO B 94 -11.91 -14.78 -22.72
N GLY B 95 -11.36 -13.65 -22.27
CA GLY B 95 -10.16 -13.08 -22.91
C GLY B 95 -8.93 -13.94 -22.73
N ILE B 96 -8.87 -14.71 -21.63
CA ILE B 96 -7.69 -15.54 -21.35
C ILE B 96 -7.60 -16.73 -22.28
N VAL B 97 -8.75 -17.15 -22.79
CA VAL B 97 -8.79 -18.30 -23.68
C VAL B 97 -9.02 -17.89 -25.15
N ASP B 98 -8.88 -16.60 -25.44
CA ASP B 98 -9.02 -16.09 -26.81
C ASP B 98 -7.62 -15.68 -27.29
N PRO B 99 -7.08 -16.37 -28.31
CA PRO B 99 -5.72 -16.06 -28.80
C PRO B 99 -5.54 -14.65 -29.34
N ASP B 100 -6.64 -13.97 -29.63
CA ASP B 100 -6.57 -12.60 -30.12
C ASP B 100 -6.67 -11.57 -28.97
N VAL B 101 -6.77 -12.07 -27.73
CA VAL B 101 -6.92 -11.19 -26.58
C VAL B 101 -5.85 -11.48 -25.55
N MSE B 102 -5.81 -12.70 -25.02
CA MSE B 102 -4.72 -13.14 -24.11
C MSE B 102 -4.60 -12.25 -22.87
O MSE B 102 -3.50 -11.94 -22.40
CB MSE B 102 -3.37 -13.25 -24.87
CG MSE B 102 -3.44 -14.17 -26.06
SE MSE B 102 -3.86 -16.00 -25.54
CE MSE B 102 -2.17 -16.45 -24.74
N ARG B 103 -5.74 -11.88 -22.29
CA ARG B 103 -5.80 -11.13 -21.02
C ARG B 103 -7.24 -11.04 -20.59
N PRO B 104 -7.51 -10.63 -19.34
CA PRO B 104 -8.90 -10.40 -18.96
C PRO B 104 -9.50 -9.21 -19.69
N ILE B 105 -10.80 -9.32 -19.95
CA ILE B 105 -11.60 -8.19 -20.43
C ILE B 105 -12.54 -7.88 -19.27
N ILE B 106 -12.35 -6.69 -18.68
CA ILE B 106 -13.07 -6.30 -17.49
C ILE B 106 -13.58 -4.85 -17.67
N PRO B 107 -14.81 -4.71 -18.19
CA PRO B 107 -15.32 -3.34 -18.38
C PRO B 107 -15.35 -2.59 -17.05
N GLU B 108 -15.10 -1.28 -17.10
CA GLU B 108 -15.12 -0.48 -15.87
C GLU B 108 -16.52 -0.30 -15.32
N ARG B 109 -16.60 -0.25 -14.00
CA ARG B 109 -17.85 0.05 -13.29
C ARG B 109 -17.86 1.50 -12.89
N SER B 110 -19.08 2.05 -12.77
N SER B 110 -19.04 2.12 -12.81
CA SER B 110 -19.32 3.34 -12.17
CA SER B 110 -19.07 3.49 -12.34
C SER B 110 -18.68 3.48 -10.78
C SER B 110 -18.66 3.51 -10.87
N ASN B 111 -18.22 4.69 -10.42
CA ASN B 111 -17.79 4.94 -9.06
C ASN B 111 -18.86 4.59 -8.03
N ASP B 112 -20.14 4.66 -8.44
CA ASP B 112 -21.26 4.37 -7.54
C ASP B 112 -21.37 2.89 -7.12
N GLU B 113 -20.75 2.02 -7.89
CA GLU B 113 -20.82 0.58 -7.64
C GLU B 113 -19.61 0.13 -6.83
N LEU B 114 -19.79 -0.94 -6.07
CA LEU B 114 -18.67 -1.60 -5.42
C LEU B 114 -17.70 -2.11 -6.50
N SER B 115 -16.42 -1.80 -6.35
CA SER B 115 -15.42 -2.23 -7.33
C SER B 115 -15.24 -3.76 -7.31
N ILE B 116 -14.74 -4.30 -8.42
CA ILE B 116 -14.58 -5.74 -8.51
C ILE B 116 -13.62 -6.25 -7.44
N LEU B 117 -12.55 -5.51 -7.17
CA LEU B 117 -11.61 -6.00 -6.16
C LEU B 117 -12.21 -5.91 -4.75
N ALA B 118 -12.89 -4.82 -4.42
CA ALA B 118 -13.57 -4.75 -3.11
C ALA B 118 -14.65 -5.77 -2.94
N GLU B 119 -15.37 -6.07 -4.03
CA GLU B 119 -16.45 -7.04 -3.96
CA GLU B 119 -16.45 -7.04 -3.98
C GLU B 119 -15.94 -8.41 -3.51
N MSE B 120 -14.79 -8.82 -4.06
N MSE B 120 -14.81 -8.83 -4.06
CA MSE B 120 -14.19 -10.10 -3.68
CA MSE B 120 -14.23 -10.12 -3.66
C MSE B 120 -13.79 -10.10 -2.21
C MSE B 120 -13.81 -10.10 -2.19
O MSE B 120 -14.06 -11.07 -1.47
O MSE B 120 -14.07 -11.05 -1.45
CB MSE B 120 -12.96 -10.34 -4.55
CB MSE B 120 -13.04 -10.45 -4.55
CG MSE B 120 -13.30 -10.27 -6.02
CG MSE B 120 -13.43 -10.77 -5.99
SE MSE B 120 -11.71 -10.33 -7.07
SE MSE B 120 -11.88 -10.46 -7.10
CE MSE B 120 -11.22 -12.11 -6.67
CE MSE B 120 -10.52 -10.63 -5.68
N ALA B 121 -13.18 -9.01 -1.77
CA ALA B 121 -12.80 -8.86 -0.36
C ALA B 121 -14.00 -8.92 0.56
N VAL B 122 -15.09 -8.26 0.18
CA VAL B 122 -16.30 -8.23 0.99
C VAL B 122 -16.89 -9.64 1.13
N THR B 123 -16.94 -10.42 0.05
CA THR B 123 -17.48 -11.78 0.13
C THR B 123 -16.64 -12.65 1.08
N ALA B 124 -15.32 -12.60 0.93
CA ALA B 124 -14.46 -13.37 1.87
C ALA B 124 -14.62 -12.86 3.31
N ALA B 125 -14.73 -11.53 3.51
CA ALA B 125 -14.87 -11.00 4.86
C ALA B 125 -16.20 -11.39 5.47
N GLU B 126 -17.27 -11.42 4.68
CA GLU B 126 -18.59 -11.83 5.24
C GLU B 126 -18.56 -13.26 5.74
N GLN B 127 -17.84 -14.15 5.04
CA GLN B 127 -17.70 -15.52 5.55
C GLN B 127 -16.96 -15.54 6.89
N ALA B 128 -15.87 -14.80 6.98
CA ALA B 128 -15.10 -14.73 8.24
C ALA B 128 -15.95 -14.16 9.36
N ILE B 129 -16.68 -13.09 9.09
CA ILE B 129 -17.54 -12.47 10.09
C ILE B 129 -18.64 -13.42 10.60
N GLU B 130 -19.27 -14.16 9.68
CA GLU B 130 -20.31 -15.13 10.06
C GLU B 130 -19.74 -16.22 10.93
N ARG B 131 -18.58 -16.75 10.54
CA ARG B 131 -17.93 -17.79 11.35
C ARG B 131 -17.56 -17.26 12.73
N TRP B 132 -17.03 -16.05 12.78
CA TRP B 132 -16.64 -15.42 14.03
C TRP B 132 -17.83 -15.29 14.99
N GLY B 133 -18.96 -14.81 14.47
CA GLY B 133 -20.19 -14.76 15.27
C GLY B 133 -20.34 -13.55 16.17
N LYS B 134 -19.31 -12.70 16.26
CA LYS B 134 -19.38 -11.51 17.12
C LYS B 134 -19.93 -10.31 16.36
N PRO B 135 -20.44 -9.30 17.08
CA PRO B 135 -20.95 -8.10 16.42
C PRO B 135 -19.84 -7.42 15.64
N ARG B 136 -20.13 -7.06 14.40
CA ARG B 136 -19.09 -6.43 13.57
C ARG B 136 -18.63 -5.05 14.07
N GLU B 137 -19.42 -4.40 14.91
N GLU B 137 -19.35 -4.46 15.02
CA GLU B 137 -19.04 -3.11 15.51
CA GLU B 137 -18.87 -3.24 15.67
C GLU B 137 -17.73 -3.25 16.31
C GLU B 137 -17.57 -3.44 16.46
N ARG B 138 -17.41 -4.51 16.66
N ARG B 138 -17.23 -4.68 16.83
CA ARG B 138 -16.20 -4.89 17.37
CA ARG B 138 -15.96 -4.85 17.50
C ARG B 138 -14.89 -4.75 16.57
C ARG B 138 -14.78 -4.61 16.56
N ILE B 139 -15.00 -4.69 15.24
CA ILE B 139 -13.87 -4.53 14.34
C ILE B 139 -13.49 -3.06 14.30
N GLY B 140 -12.25 -2.76 14.63
CA GLY B 140 -11.77 -1.39 14.67
C GLY B 140 -10.83 -0.96 13.57
N ALA B 141 -10.34 -1.94 12.81
CA ALA B 141 -9.47 -1.64 11.67
C ALA B 141 -9.71 -2.65 10.57
N VAL B 142 -9.60 -2.19 9.32
CA VAL B 142 -9.59 -3.07 8.14
C VAL B 142 -8.26 -2.84 7.41
N LEU B 143 -7.52 -3.92 7.20
CA LEU B 143 -6.28 -3.87 6.41
C LEU B 143 -6.56 -4.59 5.11
N CYS B 144 -6.39 -3.89 3.98
CA CYS B 144 -6.42 -4.57 2.68
C CYS B 144 -4.98 -4.78 2.29
N ALA B 145 -4.56 -6.04 2.36
CA ALA B 145 -3.14 -6.43 2.26
C ALA B 145 -3.03 -7.38 1.07
N CYS B 146 -2.53 -6.87 -0.04
CA CYS B 146 -2.48 -7.69 -1.26
C CYS B 146 -1.48 -7.07 -2.22
N SER B 147 -1.29 -7.76 -3.34
CA SER B 147 -0.21 -7.40 -4.27
C SER B 147 -0.55 -6.28 -5.22
N ASN B 148 -1.81 -5.87 -5.33
CA ASN B 148 -2.14 -4.80 -6.27
C ASN B 148 -3.48 -4.18 -5.94
N MSE B 149 -3.45 -2.87 -5.63
CA MSE B 149 -4.69 -2.14 -5.36
C MSE B 149 -5.32 -1.73 -6.69
O MSE B 149 -4.63 -1.39 -7.63
CB MSE B 149 -4.41 -0.89 -4.50
CG MSE B 149 -3.66 -1.19 -3.23
SE MSE B 149 -4.51 -2.53 -2.11
CE MSE B 149 -2.89 -3.13 -1.23
N GLN B 150 -6.65 -1.77 -6.76
CA GLN B 150 -7.32 -1.37 -7.99
C GLN B 150 -7.16 0.13 -8.27
N ARG B 151 -7.01 0.93 -7.23
N ARG B 151 -7.12 0.92 -7.19
CA ARG B 151 -6.72 2.33 -7.45
CA ARG B 151 -6.95 2.40 -7.21
C ARG B 151 -5.93 2.79 -6.22
C ARG B 151 -5.91 2.78 -6.19
N ALA B 152 -5.32 3.96 -6.36
CA ALA B 152 -4.53 4.56 -5.28
C ALA B 152 -5.44 5.15 -4.20
N TYR B 153 -6.55 5.79 -4.57
CA TYR B 153 -7.42 6.45 -3.60
C TYR B 153 -8.80 6.66 -4.24
N PRO B 154 -9.87 6.59 -3.42
CA PRO B 154 -9.88 6.24 -1.99
C PRO B 154 -9.44 4.78 -1.83
N ALA B 155 -8.81 4.50 -0.70
CA ALA B 155 -8.21 3.19 -0.43
C ALA B 155 -9.24 2.08 -0.59
N MSE B 156 -8.74 0.93 -1.05
CA MSE B 156 -9.58 -0.26 -1.12
C MSE B 156 -10.15 -0.65 0.24
O MSE B 156 -11.31 -1.06 0.33
CB MSE B 156 -8.78 -1.47 -1.69
CG MSE B 156 -7.99 -1.17 -2.97
SE MSE B 156 -9.15 -0.49 -4.38
CE MSE B 156 -10.55 -1.79 -4.28
N ALA B 157 -9.31 -0.55 1.26
CA ALA B 157 -9.72 -0.98 2.58
C ALA B 157 -10.88 -0.15 3.11
N ILE B 158 -10.90 1.14 2.73
CA ILE B 158 -11.98 2.03 3.16
C ILE B 158 -13.25 1.66 2.38
N GLU B 159 -13.13 1.34 1.10
CA GLU B 159 -14.30 0.88 0.34
C GLU B 159 -14.89 -0.39 0.99
N VAL B 160 -14.02 -1.32 1.38
CA VAL B 160 -14.43 -2.55 2.03
C VAL B 160 -15.10 -2.26 3.41
N GLN B 161 -14.45 -1.43 4.21
CA GLN B 161 -14.97 -0.99 5.49
C GLN B 161 -16.39 -0.46 5.37
N ASN B 162 -16.61 0.42 4.38
CA ASN B 162 -17.91 1.01 4.17
C ASN B 162 -18.94 -0.04 3.73
N ALA B 163 -18.55 -0.93 2.79
CA ALA B 163 -19.49 -1.93 2.29
C ALA B 163 -19.92 -2.90 3.41
N LEU B 164 -19.00 -3.18 4.34
CA LEU B 164 -19.31 -4.05 5.48
C LEU B 164 -20.01 -3.34 6.64
N GLY B 165 -20.17 -2.03 6.55
CA GLY B 165 -20.80 -1.27 7.64
C GLY B 165 -19.96 -1.16 8.88
N LEU B 166 -18.64 -1.05 8.72
CA LEU B 166 -17.71 -0.99 9.85
C LEU B 166 -17.33 0.43 10.23
N GLY B 167 -17.00 0.63 11.52
CA GLY B 167 -16.43 1.90 12.00
C GLY B 167 -14.92 1.89 11.92
N GLY B 168 -14.28 2.77 12.68
CA GLY B 168 -12.83 2.73 12.89
C GLY B 168 -12.06 3.28 11.70
N PHE B 169 -10.93 2.63 11.41
CA PHE B 169 -10.08 3.09 10.32
C PHE B 169 -9.70 1.93 9.41
N ALA B 170 -9.10 2.26 8.27
CA ALA B 170 -8.77 1.25 7.27
C ALA B 170 -7.64 1.79 6.43
N PHE B 171 -6.74 0.91 5.97
CA PHE B 171 -5.73 1.29 4.99
C PHE B 171 -5.24 0.12 4.17
N ASP B 172 -4.60 0.46 3.05
CA ASP B 172 -4.08 -0.52 2.11
C ASP B 172 -2.61 -0.71 2.38
N MSE B 173 -2.15 -1.95 2.29
CA MSE B 173 -0.71 -2.23 2.42
C MSE B 173 -0.32 -3.31 1.45
O MSE B 173 -1.08 -4.27 1.16
CB MSE B 173 -0.36 -2.59 3.87
CG MSE B 173 -1.12 -3.79 4.41
SE MSE B 173 -0.69 -4.19 6.29
CE MSE B 173 1.01 -5.08 5.96
N ASN B 174 0.89 -3.15 0.92
CA ASN B 174 1.33 -3.98 -0.22
C ASN B 174 2.76 -4.43 0.03
N VAL B 175 2.93 -5.72 0.30
CA VAL B 175 4.25 -6.33 0.16
C VAL B 175 4.07 -7.60 -0.67
N ALA B 176 3.22 -7.48 -1.69
CA ALA B 176 3.03 -8.52 -2.69
C ALA B 176 2.78 -9.86 -2.01
N CYS B 177 3.58 -10.85 -2.37
CA CYS B 177 3.39 -12.23 -1.93
C CYS B 177 3.38 -12.42 -0.42
N SER B 178 3.97 -11.52 0.34
CA SER B 178 3.96 -11.66 1.80
C SER B 178 2.96 -10.74 2.49
N SER B 179 2.03 -10.13 1.72
CA SER B 179 1.14 -9.15 2.35
C SER B 179 0.28 -9.77 3.46
N ALA B 180 -0.09 -11.05 3.34
CA ALA B 180 -1.00 -11.60 4.36
C ALA B 180 -0.27 -11.89 5.68
N THR B 181 0.98 -12.36 5.61
CA THR B 181 1.72 -12.57 6.87
C THR B 181 2.16 -11.24 7.48
N PHE B 182 2.52 -10.26 6.64
CA PHE B 182 2.83 -8.93 7.18
C PHE B 182 1.57 -8.29 7.78
N GLY B 183 0.43 -8.54 7.12
CA GLY B 183 -0.88 -8.04 7.62
C GLY B 183 -1.26 -8.69 8.94
N LEU B 184 -1.02 -10.00 9.09
CA LEU B 184 -1.29 -10.65 10.39
C LEU B 184 -0.43 -10.10 11.50
N LYS B 185 0.87 -9.86 11.20
CA LYS B 185 1.76 -9.24 12.20
C LYS B 185 1.25 -7.86 12.60
N THR B 186 0.87 -7.07 11.62
CA THR B 186 0.40 -5.72 11.86
C THR B 186 -0.86 -5.76 12.72
N ALA B 187 -1.80 -6.63 12.36
CA ALA B 187 -3.06 -6.82 13.09
C ALA B 187 -2.77 -7.23 14.53
N ALA B 188 -1.83 -8.14 14.72
CA ALA B 188 -1.46 -8.59 16.07
C ALA B 188 -0.88 -7.47 16.89
N ASP B 189 -0.05 -6.60 16.29
CA ASP B 189 0.47 -5.43 17.05
C ASP B 189 -0.65 -4.43 17.36
N PHE B 190 -1.60 -4.24 16.43
CA PHE B 190 -2.72 -3.34 16.72
C PHE B 190 -3.58 -3.86 17.88
N VAL B 191 -3.98 -5.12 17.86
N VAL B 191 -3.94 -5.13 17.83
CA VAL B 191 -4.76 -5.58 19.01
CA VAL B 191 -4.68 -5.76 18.90
C VAL B 191 -3.86 -5.68 20.25
C VAL B 191 -3.87 -5.74 20.19
N GLY B 192 -2.58 -5.98 20.06
CA GLY B 192 -1.67 -6.06 21.21
C GLY B 192 -1.56 -4.77 22.02
N GLY B 193 -1.63 -3.63 21.34
CA GLY B 193 -1.50 -2.32 21.99
C GLY B 193 -2.82 -1.79 22.53
N GLY B 194 -3.93 -2.49 22.27
CA GLY B 194 -5.22 -2.14 22.82
C GLY B 194 -6.00 -1.05 22.09
N SER B 195 -5.44 -0.50 21.01
CA SER B 195 -6.14 0.58 20.28
C SER B 195 -7.40 0.09 19.54
N VAL B 196 -7.47 -1.24 19.31
CA VAL B 196 -8.64 -1.91 18.72
C VAL B 196 -8.81 -3.26 19.40
N ASP B 197 -10.02 -3.82 19.32
CA ASP B 197 -10.33 -5.13 19.89
C ASP B 197 -10.25 -6.25 18.85
N ALA B 198 -10.43 -5.88 17.58
CA ALA B 198 -10.37 -6.86 16.50
C ALA B 198 -10.00 -6.13 15.21
N VAL B 199 -9.30 -6.84 14.33
CA VAL B 199 -8.85 -6.31 13.05
C VAL B 199 -9.32 -7.29 11.99
N LEU B 200 -9.89 -6.76 10.91
CA LEU B 200 -10.22 -7.56 9.73
C LEU B 200 -9.13 -7.33 8.70
N MSE B 201 -8.51 -8.40 8.22
CA MSE B 201 -7.62 -8.35 7.07
C MSE B 201 -8.32 -8.98 5.86
O MSE B 201 -8.96 -10.01 5.97
CB MSE B 201 -6.34 -9.15 7.39
CG MSE B 201 -5.41 -9.19 6.17
SE MSE B 201 -3.78 -10.17 6.52
CE MSE B 201 -4.48 -11.96 6.59
N VAL B 202 -8.20 -8.31 4.71
CA VAL B 202 -8.66 -8.90 3.44
C VAL B 202 -7.49 -8.97 2.47
N ASN B 203 -7.40 -10.05 1.68
CA ASN B 203 -6.36 -10.23 0.66
C ASN B 203 -7.01 -10.53 -0.69
N PRO B 204 -7.56 -9.48 -1.36
CA PRO B 204 -8.17 -9.72 -2.65
C PRO B 204 -7.10 -9.67 -3.75
N GLU B 205 -7.08 -10.72 -4.57
CA GLU B 205 -6.01 -10.90 -5.56
C GLU B 205 -6.63 -11.20 -6.91
N ILE B 206 -6.55 -10.24 -7.81
CA ILE B 206 -6.87 -10.48 -9.22
C ILE B 206 -5.53 -10.53 -9.95
N CYS B 207 -4.80 -11.61 -9.70
CA CYS B 207 -3.45 -11.71 -10.27
C CYS B 207 -3.49 -11.87 -11.78
N SER B 208 -4.60 -12.42 -12.31
CA SER B 208 -4.73 -12.48 -13.77
C SER B 208 -4.69 -11.08 -14.39
N GLY B 209 -5.02 -10.06 -13.58
CA GLY B 209 -4.95 -8.69 -14.08
C GLY B 209 -3.55 -8.18 -14.35
N HIS B 210 -2.51 -8.76 -13.70
CA HIS B 210 -1.13 -8.30 -13.90
C HIS B 210 -0.20 -9.36 -14.42
N LEU B 211 -0.76 -10.49 -14.88
CA LEU B 211 0.06 -11.54 -15.54
C LEU B 211 0.19 -11.31 -17.02
N ASN B 212 1.37 -11.63 -17.56
CA ASN B 212 1.57 -11.60 -19.01
C ASN B 212 1.21 -12.98 -19.57
N PHE B 213 -0.02 -13.10 -20.05
CA PHE B 213 -0.48 -14.37 -20.62
C PHE B 213 0.19 -14.72 -21.93
N ARG B 214 1.00 -13.80 -22.49
CA ARG B 214 1.75 -14.11 -23.73
C ARG B 214 3.17 -14.57 -23.44
N ASP B 215 3.52 -14.71 -22.17
CA ASP B 215 4.90 -15.06 -21.77
C ASP B 215 4.95 -16.53 -21.36
N ARG B 216 5.62 -17.35 -22.17
CA ARG B 216 5.71 -18.81 -21.86
C ARG B 216 6.27 -19.07 -20.46
N ASP B 217 7.18 -18.21 -20.01
CA ASP B 217 7.84 -18.47 -18.72
C ASP B 217 6.94 -18.22 -17.53
N SER B 218 5.84 -17.51 -17.74
CA SER B 218 4.98 -17.12 -16.61
C SER B 218 3.47 -17.22 -16.82
N HIS B 219 3.02 -17.62 -18.02
CA HIS B 219 1.60 -17.46 -18.35
C HIS B 219 0.70 -18.36 -17.52
N PHE B 220 1.29 -19.38 -16.90
CA PHE B 220 0.56 -20.37 -16.09
C PHE B 220 0.57 -20.04 -14.60
N ILE B 221 1.29 -18.98 -14.19
CA ILE B 221 1.61 -18.78 -12.76
C ILE B 221 0.48 -18.24 -11.91
N PHE B 222 -0.18 -17.16 -12.37
CA PHE B 222 -1.15 -16.41 -11.54
C PHE B 222 -2.60 -16.84 -11.70
N GLY B 223 -3.33 -16.80 -10.57
CA GLY B 223 -4.77 -16.96 -10.53
C GLY B 223 -5.37 -15.99 -9.54
N ASP B 224 -6.69 -16.07 -9.43
CA ASP B 224 -7.48 -15.08 -8.68
C ASP B 224 -8.21 -15.72 -7.50
N VAL B 225 -8.39 -14.92 -6.43
CA VAL B 225 -9.05 -15.38 -5.19
C VAL B 225 -9.19 -14.18 -4.23
N ALA B 226 -9.99 -14.31 -3.19
CA ALA B 226 -9.80 -13.43 -2.03
C ALA B 226 -9.87 -14.22 -0.77
N THR B 227 -9.01 -13.83 0.17
CA THR B 227 -9.09 -14.39 1.53
C THR B 227 -9.34 -13.29 2.54
N ALA B 228 -9.69 -13.69 3.75
CA ALA B 228 -9.92 -12.77 4.84
C ALA B 228 -9.57 -13.42 6.16
N ALA B 229 -9.18 -12.60 7.13
CA ALA B 229 -8.96 -13.13 8.51
C ALA B 229 -9.37 -12.11 9.53
N ILE B 230 -9.89 -12.58 10.66
CA ILE B 230 -10.17 -11.72 11.81
C ILE B 230 -9.20 -12.05 12.92
N VAL B 231 -8.48 -11.03 13.39
CA VAL B 231 -7.51 -11.16 14.48
C VAL B 231 -8.07 -10.45 15.71
N GLU B 232 -8.03 -11.10 16.87
CA GLU B 232 -8.52 -10.45 18.06
C GLU B 232 -7.67 -10.81 19.26
N ARG B 233 -7.79 -10.07 20.36
N ARG B 233 -7.91 -10.08 20.35
CA ARG B 233 -6.97 -10.43 21.49
CA ARG B 233 -7.28 -10.34 21.62
C ARG B 233 -7.48 -11.72 22.10
C ARG B 233 -7.56 -11.78 22.12
N ALA B 234 -6.50 -12.49 22.52
CA ALA B 234 -6.65 -13.86 23.05
C ALA B 234 -7.59 -13.91 24.26
N ASP B 235 -7.56 -12.88 25.10
N ASP B 235 -7.51 -12.87 25.09
CA ASP B 235 -8.39 -12.89 26.31
CA ASP B 235 -8.35 -12.71 26.28
C ASP B 235 -9.89 -12.81 26.01
C ASP B 235 -9.83 -12.95 25.95
N ASP B 236 -10.26 -12.50 24.77
CA ASP B 236 -11.68 -12.57 24.37
C ASP B 236 -12.03 -13.65 23.35
N ALA B 237 -11.04 -14.42 22.90
CA ALA B 237 -11.30 -15.32 21.79
C ALA B 237 -11.85 -16.67 22.26
N GLN B 238 -12.71 -17.24 21.43
CA GLN B 238 -13.28 -18.56 21.64
C GLN B 238 -12.78 -19.42 20.49
N GLY B 239 -11.91 -20.36 20.81
CA GLY B 239 -11.33 -21.21 19.78
C GLY B 239 -10.31 -20.44 18.95
N GLY B 240 -10.21 -20.82 17.68
CA GLY B 240 -9.25 -20.19 16.78
C GLY B 240 -7.84 -20.67 17.03
N TRP B 241 -6.89 -19.84 16.62
CA TRP B 241 -5.46 -20.19 16.59
C TRP B 241 -4.68 -19.10 17.31
N SER B 242 -3.95 -19.46 18.35
CA SER B 242 -3.05 -18.50 19.03
C SER B 242 -1.92 -18.10 18.07
N ILE B 243 -1.62 -16.80 17.95
CA ILE B 243 -0.40 -16.38 17.24
C ILE B 243 0.75 -16.45 18.25
N LEU B 244 1.59 -17.47 18.08
CA LEU B 244 2.74 -17.66 18.99
C LEU B 244 3.85 -16.68 18.71
N GLY B 245 3.99 -16.28 17.44
CA GLY B 245 5.01 -15.31 17.08
C GLY B 245 5.02 -15.08 15.59
N THR B 246 5.56 -13.93 15.20
CA THR B 246 5.70 -13.57 13.79
C THR B 246 7.10 -13.06 13.56
N LYS B 247 7.60 -13.27 12.35
CA LYS B 247 8.85 -12.69 11.93
C LYS B 247 8.71 -12.29 10.46
N LEU B 248 9.17 -11.08 10.15
CA LEU B 248 9.08 -10.53 8.78
C LEU B 248 10.47 -10.15 8.29
N LYS B 249 10.73 -10.42 7.00
CA LYS B 249 12.03 -10.08 6.43
CA LYS B 249 12.04 -10.11 6.42
C LYS B 249 11.83 -9.65 5.00
N THR B 250 12.59 -8.62 4.59
CA THR B 250 12.63 -8.23 3.18
C THR B 250 14.09 -8.05 2.76
N GLN B 251 14.36 -8.27 1.47
CA GLN B 251 15.73 -8.19 0.94
C GLN B 251 15.55 -7.88 -0.54
N PHE B 252 15.84 -6.65 -0.93
CA PHE B 252 15.51 -6.21 -2.28
C PHE B 252 16.03 -7.10 -3.39
N SER B 253 15.15 -7.40 -4.33
CA SER B 253 15.52 -8.14 -5.53
C SER B 253 14.71 -7.69 -6.70
N ASN B 254 15.37 -7.61 -7.86
CA ASN B 254 14.66 -7.41 -9.11
C ASN B 254 14.15 -8.69 -9.77
N ASN B 255 14.31 -9.82 -9.10
CA ASN B 255 13.92 -11.08 -9.73
C ASN B 255 12.42 -11.36 -9.85
N ILE B 256 11.60 -10.55 -9.16
CA ILE B 256 10.16 -10.53 -9.34
C ILE B 256 9.79 -9.05 -9.36
N ARG B 257 9.31 -8.55 -10.52
CA ARG B 257 9.12 -7.10 -10.65
C ARG B 257 8.01 -6.82 -11.66
N ASN B 258 7.31 -5.70 -11.44
CA ASN B 258 6.30 -5.18 -12.35
C ASN B 258 6.40 -3.68 -12.29
N ASN B 259 6.73 -3.04 -13.43
CA ASN B 259 6.97 -1.61 -13.47
C ASN B 259 5.76 -0.74 -13.76
N ALA B 260 4.55 -1.32 -13.82
CA ALA B 260 3.35 -0.53 -14.04
C ALA B 260 3.05 0.36 -12.84
N GLY B 261 2.60 1.57 -13.13
CA GLY B 261 2.12 2.45 -12.07
C GLY B 261 1.93 3.87 -12.55
N PHE B 262 1.64 4.74 -11.56
CA PHE B 262 1.14 6.08 -11.90
C PHE B 262 2.08 6.96 -12.73
N LEU B 263 3.37 6.72 -12.63
CA LEU B 263 4.32 7.53 -13.39
C LEU B 263 4.43 7.05 -14.83
N ASN B 264 3.79 5.93 -15.16
CA ASN B 264 3.73 5.56 -16.59
C ASN B 264 2.98 6.64 -17.38
N ARG B 265 2.10 7.40 -16.75
N ARG B 265 2.12 7.40 -16.71
CA ARG B 265 1.46 8.48 -17.49
CA ARG B 265 1.42 8.56 -17.31
C ARG B 265 2.45 9.57 -17.88
C ARG B 265 2.38 9.67 -17.73
N ALA B 266 3.58 9.67 -17.16
CA ALA B 266 4.61 10.64 -17.49
C ALA B 266 5.60 10.09 -18.54
N TRP B 267 5.35 8.85 -19.00
CA TRP B 267 6.14 8.24 -20.07
C TRP B 267 5.24 7.25 -20.83
N PRO B 268 4.21 7.77 -21.50
CA PRO B 268 3.23 6.86 -22.10
C PRO B 268 3.83 5.93 -23.16
N GLU B 269 4.94 6.32 -23.77
CA GLU B 269 5.60 5.44 -24.74
C GLU B 269 6.07 4.10 -24.15
N GLY B 270 6.20 4.02 -22.82
CA GLY B 270 6.58 2.74 -22.19
C GLY B 270 5.42 1.87 -21.73
N ARG B 271 4.21 2.36 -21.88
N ARG B 271 4.18 2.28 -21.98
CA ARG B 271 3.11 1.79 -21.11
CA ARG B 271 3.03 1.53 -21.42
C ARG B 271 2.79 0.37 -21.52
C ARG B 271 2.79 0.16 -22.01
N ASP B 272 3.14 -0.02 -22.75
N ASP B 272 3.26 -0.05 -23.23
CA ASP B 272 2.75 -1.32 -23.28
CA ASP B 272 3.00 -1.27 -23.94
C ASP B 272 3.89 -2.35 -23.40
C ASP B 272 4.07 -2.31 -23.70
N LYS B 273 5.04 -1.99 -22.85
CA LYS B 273 6.18 -2.89 -22.73
C LYS B 273 5.89 -4.04 -21.77
N ALA B 274 6.55 -5.17 -22.02
CA ALA B 274 6.34 -6.37 -21.20
C ALA B 274 6.68 -6.18 -19.73
N ASP B 275 7.55 -5.21 -19.43
CA ASP B 275 7.88 -4.96 -18.03
C ASP B 275 6.79 -4.29 -17.21
N LYS B 276 5.68 -3.94 -17.86
CA LYS B 276 4.49 -3.39 -17.18
C LYS B 276 3.51 -4.47 -16.74
N LEU B 277 3.98 -5.72 -16.81
CA LEU B 277 3.28 -6.90 -16.25
C LEU B 277 4.30 -7.67 -15.41
N PHE B 278 3.84 -8.73 -14.75
CA PHE B 278 4.71 -9.56 -13.93
C PHE B 278 5.88 -10.09 -14.77
N VAL B 279 7.08 -9.90 -14.24
CA VAL B 279 8.30 -10.49 -14.79
C VAL B 279 9.04 -11.21 -13.65
N GLN B 280 9.25 -12.53 -13.79
CA GLN B 280 9.99 -13.30 -12.80
C GLN B 280 11.15 -14.02 -13.46
N GLN B 281 12.31 -13.95 -12.79
CA GLN B 281 13.48 -14.74 -13.20
C GLN B 281 13.48 -15.97 -12.30
N GLY B 282 12.72 -16.96 -12.75
CA GLY B 282 12.39 -18.11 -11.90
C GLY B 282 13.55 -18.93 -11.39
N ARG B 283 14.61 -19.07 -12.18
CA ARG B 283 15.75 -19.90 -11.75
C ARG B 283 16.46 -19.24 -10.57
N LYS B 284 16.59 -17.92 -10.64
CA LYS B 284 17.20 -17.17 -9.55
C LYS B 284 16.31 -17.17 -8.30
N VAL B 285 15.01 -17.00 -8.49
CA VAL B 285 14.08 -17.06 -7.33
C VAL B 285 14.22 -18.41 -6.66
N PHE B 286 14.24 -19.47 -7.46
CA PHE B 286 14.36 -20.81 -6.86
C PHE B 286 15.65 -20.94 -6.03
N LYS B 287 16.76 -20.48 -6.58
CA LYS B 287 18.06 -20.61 -5.90
C LYS B 287 18.16 -19.75 -4.65
N GLU B 288 17.59 -18.56 -4.68
CA GLU B 288 17.79 -17.60 -3.61
C GLU B 288 16.73 -17.64 -2.53
N VAL B 289 15.47 -17.84 -2.91
CA VAL B 289 14.38 -17.74 -1.94
C VAL B 289 14.27 -18.99 -1.08
N VAL B 290 14.57 -20.17 -1.65
CA VAL B 290 14.47 -21.43 -0.88
C VAL B 290 15.37 -21.38 0.39
N PRO B 291 16.68 -21.08 0.27
CA PRO B 291 17.47 -21.05 1.53
C PRO B 291 17.12 -19.86 2.43
N LEU B 292 16.72 -18.72 1.86
CA LEU B 292 16.33 -17.56 2.67
C LEU B 292 15.18 -17.96 3.61
N VAL B 293 14.17 -18.61 3.05
CA VAL B 293 12.98 -18.99 3.79
C VAL B 293 13.26 -20.12 4.80
N SER B 294 13.97 -21.16 4.36
N SER B 294 13.95 -21.19 4.39
CA SER B 294 14.28 -22.30 5.23
CA SER B 294 14.17 -22.29 5.35
C SER B 294 15.04 -21.82 6.47
C SER B 294 15.03 -21.81 6.53
N GLU B 295 16.06 -21.01 6.25
CA GLU B 295 16.87 -20.46 7.34
C GLU B 295 16.03 -19.59 8.29
N MSE B 296 15.16 -18.75 7.71
CA MSE B 296 14.34 -17.87 8.52
CA MSE B 296 14.31 -17.87 8.50
C MSE B 296 13.38 -18.68 9.41
O MSE B 296 13.22 -18.36 10.60
CB MSE B 296 13.57 -16.93 7.59
CB MSE B 296 13.49 -16.94 7.57
CG MSE B 296 12.74 -15.93 8.33
CG MSE B 296 12.14 -16.49 8.15
SE MSE B 296 11.61 -15.14 6.97
SE MSE B 296 11.35 -15.11 7.10
CE MSE B 296 10.59 -14.07 8.12
CE MSE B 296 12.19 -13.75 8.11
N ILE B 297 12.74 -19.70 8.85
CA ILE B 297 11.81 -20.53 9.62
C ILE B 297 12.53 -21.16 10.82
N ILE B 298 13.68 -21.76 10.56
CA ILE B 298 14.40 -22.49 11.62
C ILE B 298 14.90 -21.51 12.68
N GLU B 299 15.39 -20.33 12.25
CA GLU B 299 15.87 -19.32 13.19
C GLU B 299 14.72 -18.77 14.04
N HIS B 300 13.58 -18.50 13.41
CA HIS B 300 12.45 -17.98 14.15
C HIS B 300 11.93 -19.01 15.16
N ALA B 301 11.77 -20.25 14.72
CA ALA B 301 11.35 -21.31 15.65
C ALA B 301 12.25 -21.37 16.89
N ARG B 302 13.55 -21.34 16.67
CA ARG B 302 14.50 -21.38 17.79
C ARG B 302 14.33 -20.18 18.72
N GLU B 303 14.14 -18.98 18.15
CA GLU B 303 13.92 -17.79 18.96
C GLU B 303 12.75 -17.93 19.92
N ILE B 304 11.70 -18.58 19.49
CA ILE B 304 10.50 -18.69 20.31
C ILE B 304 10.33 -20.07 20.97
N GLY B 305 11.37 -20.89 20.89
CA GLY B 305 11.39 -22.15 21.64
C GLY B 305 10.54 -23.25 21.05
N ILE B 306 10.32 -23.18 19.74
CA ILE B 306 9.59 -24.23 19.03
C ILE B 306 10.57 -25.14 18.33
N ASP B 307 10.37 -26.44 18.47
CA ASP B 307 11.10 -27.41 17.66
C ASP B 307 10.47 -27.51 16.25
N PRO B 308 11.17 -27.01 15.21
CA PRO B 308 10.53 -27.08 13.88
C PRO B 308 10.20 -28.52 13.47
N HIS B 309 10.95 -29.50 13.97
CA HIS B 309 10.65 -30.89 13.66
C HIS B 309 9.33 -31.35 14.23
N GLY B 310 8.80 -30.61 15.21
CA GLY B 310 7.57 -31.00 15.85
C GLY B 310 6.33 -30.34 15.29
N LEU B 311 6.47 -29.55 14.22
CA LEU B 311 5.27 -28.93 13.62
C LEU B 311 4.29 -29.96 13.11
N LYS B 312 3.02 -29.76 13.41
CA LYS B 312 1.99 -30.64 12.90
C LYS B 312 1.68 -30.36 11.42
N ARG B 313 1.68 -29.09 11.05
CA ARG B 313 1.31 -28.70 9.69
C ARG B 313 1.97 -27.41 9.27
N MSE B 314 2.34 -27.35 8.00
CA MSE B 314 2.86 -26.13 7.38
C MSE B 314 1.93 -25.74 6.24
O MSE B 314 1.56 -26.57 5.37
CB MSE B 314 4.26 -26.37 6.81
CG MSE B 314 5.24 -26.87 7.87
SE MSE B 314 6.99 -27.25 7.10
CE MSE B 314 6.41 -28.77 6.01
N TRP B 315 1.56 -24.46 6.27
CA TRP B 315 0.82 -23.81 5.19
C TRP B 315 1.77 -22.79 4.57
N LEU B 316 2.59 -23.28 3.65
CA LEU B 316 3.57 -22.43 2.98
C LEU B 316 2.93 -21.70 1.82
N HIS B 317 3.72 -20.76 1.27
CA HIS B 317 3.31 -20.02 0.10
C HIS B 317 2.87 -20.98 -1.01
N GLN B 318 1.98 -20.54 -1.89
CA GLN B 318 1.39 -21.45 -2.86
C GLN B 318 1.68 -21.02 -4.28
N ALA B 319 2.94 -21.21 -4.69
CA ALA B 319 3.39 -20.82 -6.04
C ALA B 319 4.09 -21.94 -6.78
N ASN B 320 4.86 -22.75 -6.05
CA ASN B 320 5.74 -23.72 -6.74
C ASN B 320 5.96 -24.89 -5.81
N ILE B 321 5.32 -26.01 -6.13
CA ILE B 321 5.41 -27.23 -5.29
C ILE B 321 6.84 -27.67 -5.05
N ASN B 322 7.72 -27.41 -6.01
CA ASN B 322 9.11 -27.87 -5.91
C ASN B 322 9.87 -27.08 -4.86
N MSE B 323 9.54 -25.80 -4.73
CA MSE B 323 10.14 -25.01 -3.68
C MSE B 323 9.62 -25.42 -2.32
O MSE B 323 10.41 -25.57 -1.37
CB MSE B 323 9.90 -23.51 -3.93
CG MSE B 323 10.72 -22.97 -5.10
SE MSE B 323 10.37 -21.13 -5.57
CE MSE B 323 10.90 -20.26 -3.97
N ASN B 324 8.31 -25.65 -2.22
CA ASN B 324 7.69 -26.08 -0.96
C ASN B 324 8.24 -27.40 -0.48
N GLU B 325 8.53 -28.32 -1.41
CA GLU B 325 9.07 -29.64 -1.04
CA GLU B 325 9.02 -29.63 -0.98
C GLU B 325 10.42 -29.46 -0.34
N ILE B 326 11.28 -28.63 -0.92
CA ILE B 326 12.61 -28.44 -0.38
C ILE B 326 12.58 -27.69 0.94
N ILE B 327 11.83 -26.59 1.00
CA ILE B 327 11.71 -25.84 2.26
C ILE B 327 11.12 -26.72 3.37
N GLY B 328 10.03 -27.43 3.03
CA GLY B 328 9.42 -28.32 4.02
C GLY B 328 10.33 -29.40 4.54
N ARG B 329 11.09 -30.02 3.63
N ARG B 329 11.13 -29.99 3.66
CA ARG B 329 12.05 -31.05 4.05
CA ARG B 329 12.12 -30.99 4.08
C ARG B 329 13.10 -30.49 5.01
C ARG B 329 13.19 -30.39 5.00
N LYS B 330 13.60 -29.29 4.72
N LYS B 330 13.68 -29.18 4.72
CA LYS B 330 14.63 -28.65 5.56
CA LYS B 330 14.67 -28.57 5.59
C LYS B 330 14.08 -28.27 6.94
C LYS B 330 14.08 -28.30 6.96
N VAL B 331 12.83 -27.82 6.98
CA VAL B 331 12.17 -27.45 8.24
C VAL B 331 11.88 -28.68 9.10
N LEU B 332 11.34 -29.73 8.50
CA LEU B 332 10.95 -30.93 9.26
C LEU B 332 12.07 -31.92 9.47
N GLY B 333 13.15 -31.83 8.70
CA GLY B 333 14.24 -32.82 8.77
C GLY B 333 13.93 -34.15 8.14
N ARG B 334 12.87 -34.18 7.32
CA ARG B 334 12.42 -35.41 6.65
C ARG B 334 11.45 -35.02 5.55
N ASP B 335 11.18 -35.95 4.64
CA ASP B 335 10.27 -35.67 3.52
C ASP B 335 8.84 -35.45 4.05
N PRO B 336 8.28 -34.24 3.90
CA PRO B 336 6.96 -34.02 4.47
C PRO B 336 5.87 -34.76 3.72
N THR B 337 4.85 -35.20 4.46
CA THR B 337 3.66 -35.76 3.79
C THR B 337 2.83 -34.62 3.21
N ARG B 338 1.93 -34.96 2.30
N ARG B 338 1.92 -34.97 2.32
CA ARG B 338 1.01 -33.95 1.78
CA ARG B 338 1.00 -33.98 1.77
C ARG B 338 0.12 -33.37 2.88
C ARG B 338 0.08 -33.41 2.84
N ASP B 339 -0.28 -34.21 3.83
CA ASP B 339 -1.10 -33.74 4.97
C ASP B 339 -0.40 -32.62 5.70
N GLU B 340 0.89 -32.78 5.90
CA GLU B 340 1.62 -31.83 6.71
C GLU B 340 2.25 -30.68 5.92
N ASN B 341 2.23 -30.74 4.59
CA ASN B 341 2.79 -29.68 3.75
C ASN B 341 1.75 -29.43 2.65
N VAL B 342 0.81 -28.56 2.98
CA VAL B 342 -0.41 -28.42 2.23
C VAL B 342 -0.16 -27.85 0.84
N ILE B 343 -0.90 -28.38 -0.13
CA ILE B 343 -0.84 -27.87 -1.51
C ILE B 343 -2.23 -27.53 -1.99
N ILE B 344 -2.47 -26.23 -2.27
CA ILE B 344 -3.70 -25.81 -2.94
C ILE B 344 -3.41 -25.12 -4.28
N LEU B 345 -2.12 -24.91 -4.57
CA LEU B 345 -1.72 -24.25 -5.84
C LEU B 345 -2.05 -25.13 -7.06
N ASP B 346 -2.32 -26.42 -6.84
CA ASP B 346 -2.79 -27.23 -7.97
C ASP B 346 -4.10 -26.71 -8.58
N ASP B 347 -5.02 -26.23 -7.73
CA ASP B 347 -6.31 -25.71 -8.16
C ASP B 347 -6.28 -24.20 -8.34
N TYR B 348 -5.53 -23.50 -7.49
CA TYR B 348 -5.60 -22.02 -7.45
C TYR B 348 -4.47 -21.33 -8.20
N ALA B 349 -3.47 -22.10 -8.64
CA ALA B 349 -2.20 -21.55 -9.08
C ALA B 349 -1.65 -20.61 -8.00
N ASN B 350 -0.82 -19.64 -8.38
CA ASN B 350 -0.24 -18.69 -7.45
C ASN B 350 -1.12 -17.45 -7.34
N THR B 351 -1.62 -17.21 -6.13
CA THR B 351 -2.49 -16.06 -5.83
C THR B 351 -1.75 -15.03 -4.99
N SER B 352 -0.41 -15.05 -5.07
CA SER B 352 0.43 -14.08 -4.36
C SER B 352 0.09 -14.09 -2.88
N SER B 353 -0.33 -12.97 -2.29
CA SER B 353 -0.49 -12.87 -0.83
C SER B 353 -1.41 -13.94 -0.26
N ALA B 354 -2.45 -14.32 -0.99
CA ALA B 354 -3.54 -15.11 -0.42
C ALA B 354 -3.19 -16.58 -0.28
N GLY B 355 -2.19 -17.06 -1.02
CA GLY B 355 -2.01 -18.53 -1.14
C GLY B 355 -1.86 -19.29 0.15
N SER B 356 -0.96 -18.84 1.02
CA SER B 356 -0.76 -19.51 2.31
C SER B 356 -2.04 -19.46 3.17
N ILE B 357 -2.82 -18.38 3.05
CA ILE B 357 -4.08 -18.26 3.77
C ILE B 357 -5.14 -19.21 3.21
N ILE B 358 -5.19 -19.41 1.89
CA ILE B 358 -6.12 -20.42 1.31
C ILE B 358 -5.78 -21.79 1.93
N ALA B 359 -4.49 -22.10 1.96
CA ALA B 359 -4.03 -23.41 2.46
C ALA B 359 -4.47 -23.58 3.92
N PHE B 360 -4.23 -22.56 4.74
CA PHE B 360 -4.63 -22.57 6.13
C PHE B 360 -6.14 -22.71 6.31
N HIS B 361 -6.91 -21.91 5.58
CA HIS B 361 -8.35 -21.91 5.68
C HIS B 361 -8.92 -23.28 5.32
N LYS B 362 -8.40 -23.90 4.26
CA LYS B 362 -8.99 -25.13 3.72
C LYS B 362 -8.52 -26.41 4.41
N HIS B 363 -7.40 -26.33 5.14
CA HIS B 363 -6.75 -27.55 5.67
C HIS B 363 -6.31 -27.43 7.12
N GLN B 364 -7.29 -27.35 8.01
CA GLN B 364 -7.03 -27.20 9.44
C GLN B 364 -8.00 -27.89 10.41
N ASP B 365 -9.19 -28.30 9.94
CA ASP B 365 -10.26 -28.80 10.81
CA ASP B 365 -10.24 -28.80 10.83
C ASP B 365 -9.93 -30.10 11.56
N ASP B 366 -9.03 -30.89 10.99
CA ASP B 366 -8.67 -32.23 11.52
C ASP B 366 -7.61 -32.25 12.61
N MSE B 367 -7.05 -31.09 12.94
CA MSE B 367 -5.95 -31.04 13.91
C MSE B 367 -6.45 -31.06 15.35
O MSE B 367 -7.64 -30.78 15.61
CB MSE B 367 -5.10 -29.81 13.61
CG MSE B 367 -4.33 -30.01 12.31
SE MSE B 367 -3.63 -28.41 11.58
CE MSE B 367 -2.30 -28.00 12.95
N ALA B 368 -5.54 -31.39 16.27
CA ALA B 368 -5.92 -31.49 17.70
C ALA B 368 -5.63 -30.19 18.40
N GLN B 369 -6.41 -29.92 19.46
CA GLN B 369 -6.06 -28.80 20.34
C GLN B 369 -4.61 -28.94 20.79
N GLY B 370 -3.86 -27.85 20.68
CA GLY B 370 -2.47 -27.82 21.06
C GLY B 370 -1.50 -28.05 19.90
N ASP B 371 -1.98 -28.56 18.77
CA ASP B 371 -1.07 -28.76 17.63
C ASP B 371 -0.48 -27.42 17.15
N LEU B 372 0.79 -27.49 16.75
CA LEU B 372 1.54 -26.35 16.23
C LEU B 372 1.50 -26.33 14.72
N GLY B 373 1.29 -25.14 14.17
CA GLY B 373 1.35 -24.96 12.72
C GLY B 373 2.18 -23.73 12.36
N LEU B 374 2.45 -23.60 11.05
CA LEU B 374 3.23 -22.49 10.52
C LEU B 374 2.54 -21.99 9.27
N ILE B 375 2.19 -20.71 9.26
CA ILE B 375 1.78 -20.03 8.03
C ILE B 375 3.00 -19.26 7.56
N CYS B 376 3.43 -19.48 6.31
CA CYS B 376 4.64 -18.82 5.84
C CYS B 376 4.49 -18.42 4.40
N SER B 377 4.70 -17.13 4.13
CA SER B 377 4.59 -16.61 2.76
C SER B 377 5.98 -16.19 2.29
N PHE B 378 6.18 -16.12 0.98
CA PHE B 378 7.48 -15.67 0.42
C PHE B 378 7.31 -15.37 -1.04
N GLY B 379 8.00 -14.33 -1.50
CA GLY B 379 7.95 -13.98 -2.92
C GLY B 379 8.48 -12.58 -3.18
N ALA B 380 7.74 -11.83 -3.98
CA ALA B 380 8.27 -10.56 -4.49
C ALA B 380 8.70 -9.60 -3.40
N GLY B 381 9.82 -8.93 -3.67
CA GLY B 381 10.39 -7.97 -2.71
C GLY B 381 11.91 -7.97 -2.79
N TYR B 382 12.59 -9.06 -2.42
CA TYR B 382 11.98 -10.25 -1.84
C TYR B 382 11.36 -9.97 -0.50
N SER B 383 10.34 -10.76 -0.18
CA SER B 383 9.70 -10.71 1.13
C SER B 383 9.43 -12.11 1.64
N ALA B 384 9.42 -12.24 2.95
CA ALA B 384 9.05 -13.52 3.59
C ALA B 384 8.53 -13.21 4.98
N GLY B 385 7.51 -13.99 5.37
CA GLY B 385 6.92 -13.82 6.69
C GLY B 385 6.57 -15.16 7.29
N THR B 386 6.83 -15.29 8.58
CA THR B 386 6.45 -16.51 9.31
C THR B 386 5.46 -16.19 10.41
N VAL B 387 4.43 -17.01 10.56
CA VAL B 387 3.46 -16.88 11.64
C VAL B 387 3.31 -18.27 12.25
N PHE B 388 3.83 -18.47 13.47
CA PHE B 388 3.66 -19.74 14.18
C PHE B 388 2.39 -19.66 14.96
N VAL B 389 1.60 -20.71 14.87
CA VAL B 389 0.26 -20.76 15.45
C VAL B 389 0.03 -22.05 16.24
N GLN B 390 -0.93 -21.99 17.16
CA GLN B 390 -1.27 -23.16 17.96
C GLN B 390 -2.78 -23.28 18.05
N LYS B 391 -3.31 -24.48 17.86
CA LYS B 391 -4.75 -24.63 17.83
C LYS B 391 -5.34 -24.55 19.23
N ARG B 392 -6.31 -23.68 19.40
CA ARG B 392 -6.93 -23.47 20.72
C ARG B 392 -8.07 -24.45 20.95
C FMT C . 8.40 -17.86 -26.08
O1 FMT C . 7.31 -18.43 -26.19
O2 FMT C . 9.48 -18.42 -25.89
C FMT D . 7.12 -22.06 -11.24
O1 FMT D . 7.24 -20.82 -11.25
O2 FMT D . 7.48 -22.81 -12.18
#